data_3TFZ
#
_entry.id   3TFZ
#
_cell.length_a   50.016
_cell.length_b   135.731
_cell.length_c   175.496
_cell.angle_alpha   90.00
_cell.angle_beta   90.00
_cell.angle_gamma   90.00
#
_symmetry.space_group_name_H-M   'P 21 21 21'
#
loop_
_entity.id
_entity.type
_entity.pdbx_description
1 polymer Cyclase
2 non-polymer 'POTASSIUM ION'
3 non-polymer '3-CYCLOHEXYL-1-PROPYLSULFONIC ACID'
4 water water
#
_entity_poly.entity_id   1
_entity_poly.type   'polypeptide(L)'
_entity_poly.pdbx_seq_one_letter_code
;GSHMRHVEHTVTVAAPADLVWEVLADVLGYADIFPPTEKVEILEEGQGYQVVRLHVDVAGEINTWTSRRDLDPARRVIAY
RQLETAPIVGHMSGEWRAFTLDAERTQLVLTHDFVTRAAGDDGLVAGKLTPDEAREMLEAVVERNSVADLNAVLGEAERR
VRAAGGVGTVTA
;
_entity_poly.pdbx_strand_id   A,B,C,D,E,F
#
# COMPACT_ATOMS: atom_id res chain seq x y z
N HIS A 3 5.81 28.79 8.75
CA HIS A 3 5.92 27.90 7.50
C HIS A 3 5.95 26.32 7.65
N MET A 4 5.74 25.61 6.52
CA MET A 4 5.67 24.16 6.46
C MET A 4 7.01 23.46 6.87
N ARG A 5 6.97 22.34 7.62
CA ARG A 5 8.24 21.73 8.00
C ARG A 5 8.36 20.46 7.23
N HIS A 6 9.60 20.02 6.98
CA HIS A 6 9.89 18.82 6.30
C HIS A 6 11.01 18.01 7.01
N VAL A 7 10.72 16.76 7.42
CA VAL A 7 11.73 15.88 8.03
C VAL A 7 11.74 14.52 7.38
N GLU A 8 12.85 13.77 7.55
CA GLU A 8 13.03 12.46 6.93
C GLU A 8 13.79 11.59 7.86
N HIS A 9 13.34 10.39 8.04
CA HIS A 9 14.03 9.47 8.98
C HIS A 9 14.20 8.15 8.23
N THR A 10 15.17 7.32 8.63
CA THR A 10 15.39 6.07 7.93
C THR A 10 15.93 5.02 8.88
N VAL A 11 15.79 3.77 8.44
CA VAL A 11 16.31 2.52 9.09
C VAL A 11 16.56 1.51 7.94
N THR A 12 17.51 0.59 8.14
CA THR A 12 17.91 -0.45 7.21
C THR A 12 17.23 -1.65 7.76
N VAL A 13 16.38 -2.32 6.97
CA VAL A 13 15.60 -3.52 7.41
C VAL A 13 16.26 -4.81 6.91
N ALA A 14 16.57 -5.75 7.82
CA ALA A 14 17.22 -6.96 7.33
C ALA A 14 16.10 -7.88 6.78
N ALA A 15 15.39 -7.46 5.71
CA ALA A 15 14.34 -8.28 5.02
C ALA A 15 14.30 -7.80 3.58
N PRO A 16 13.82 -8.68 2.61
CA PRO A 16 13.67 -8.17 1.19
C PRO A 16 12.57 -7.08 1.02
N ALA A 17 12.66 -6.28 -0.02
CA ALA A 17 11.86 -5.04 -0.15
C ALA A 17 10.42 -5.39 -0.35
N ASP A 18 10.13 -6.49 -1.01
CA ASP A 18 8.80 -7.03 -1.19
C ASP A 18 8.14 -7.45 0.14
N LEU A 19 8.89 -8.03 1.08
CA LEU A 19 8.30 -8.35 2.35
C LEU A 19 7.97 -7.07 3.17
N VAL A 20 8.84 -6.08 3.08
CA VAL A 20 8.61 -4.81 3.71
C VAL A 20 7.38 -4.13 3.10
N TRP A 21 7.21 -4.22 1.78
CA TRP A 21 6.05 -3.69 1.12
C TRP A 21 4.80 -4.34 1.76
N GLU A 22 4.76 -5.69 1.82
CA GLU A 22 3.64 -6.39 2.39
C GLU A 22 3.22 -5.92 3.77
N VAL A 23 4.19 -5.62 4.67
CA VAL A 23 3.92 -5.12 5.99
C VAL A 23 3.34 -3.64 5.88
N LEU A 24 3.94 -2.78 5.06
CA LEU A 24 3.45 -1.47 4.89
C LEU A 24 2.05 -1.44 4.34
N ALA A 25 1.76 -2.18 3.23
CA ALA A 25 0.46 -2.22 2.56
C ALA A 25 -0.73 -2.70 3.44
N ASP A 26 -0.48 -3.56 4.43
CA ASP A 26 -1.63 -4.18 5.15
C ASP A 26 -2.00 -3.32 6.38
N VAL A 27 -2.64 -2.15 6.14
CA VAL A 27 -3.07 -1.34 7.27
C VAL A 27 -3.96 -2.09 8.34
N LEU A 28 -4.77 -3.08 7.95
CA LEU A 28 -5.48 -3.90 8.94
C LEU A 28 -4.52 -4.48 10.02
N GLY A 29 -3.26 -4.79 9.68
CA GLY A 29 -2.26 -5.18 10.68
C GLY A 29 -1.68 -4.05 11.55
N TYR A 30 -1.93 -2.77 11.30
CA TYR A 30 -1.21 -1.65 12.01
C TYR A 30 -1.46 -1.58 13.54
N ALA A 31 -2.65 -1.96 14.04
CA ALA A 31 -2.94 -1.90 15.46
C ALA A 31 -2.14 -3.01 16.20
N ASP A 32 -1.99 -4.15 15.60
CA ASP A 32 -1.06 -5.20 16.11
C ASP A 32 0.43 -4.85 16.08
N ILE A 33 0.89 -4.23 15.01
CA ILE A 33 2.31 -4.02 14.65
C ILE A 33 2.85 -2.65 15.20
N PHE A 34 1.95 -1.67 15.41
CA PHE A 34 2.37 -0.32 15.91
C PHE A 34 1.91 -0.19 17.29
N PRO A 35 2.84 -0.23 18.27
CA PRO A 35 2.38 -0.17 19.68
C PRO A 35 1.49 1.04 20.03
N PRO A 36 1.82 2.23 19.51
CA PRO A 36 0.91 3.35 19.98
C PRO A 36 -0.42 3.36 19.21
N THR A 37 -0.48 2.66 18.05
CA THR A 37 -1.77 2.42 17.34
C THR A 37 -2.78 1.49 18.01
N GLU A 38 -3.88 2.04 18.52
CA GLU A 38 -4.89 1.24 19.24
C GLU A 38 -5.98 0.62 18.35
N LYS A 39 -6.22 1.22 17.19
CA LYS A 39 -7.39 0.87 16.39
C LYS A 39 -7.19 1.45 15.03
N VAL A 40 -7.52 0.65 14.04
CA VAL A 40 -7.51 1.04 12.67
C VAL A 40 -8.91 0.74 12.11
N GLU A 41 -9.37 1.57 11.19
CA GLU A 41 -10.61 1.31 10.54
C GLU A 41 -10.62 1.78 9.09
N ILE A 42 -11.09 0.93 8.16
CA ILE A 42 -11.03 1.22 6.75
C ILE A 42 -12.28 1.85 6.38
N LEU A 43 -12.20 3.07 5.89
CA LEU A 43 -13.45 3.76 5.52
C LEU A 43 -13.75 3.60 4.02
N GLU A 44 -12.70 3.46 3.24
CA GLU A 44 -12.79 3.48 1.77
C GLU A 44 -11.54 2.81 1.26
N GLU A 45 -11.68 2.00 0.24
CA GLU A 45 -10.66 1.12 -0.26
C GLU A 45 -10.96 0.69 -1.71
N GLY A 46 -9.94 0.73 -2.55
CA GLY A 46 -10.07 0.47 -3.93
C GLY A 46 -8.68 0.16 -4.41
N GLN A 47 -8.59 -0.06 -5.72
CA GLN A 47 -7.33 -0.38 -6.38
C GLN A 47 -6.35 0.78 -6.28
N GLY A 48 -5.32 0.59 -5.47
CA GLY A 48 -4.30 1.62 -5.24
C GLY A 48 -4.46 2.69 -4.13
N TYR A 49 -5.53 2.63 -3.38
CA TYR A 49 -5.80 3.63 -2.36
C TYR A 49 -6.57 2.99 -1.18
N GLN A 50 -6.34 3.51 0.03
CA GLN A 50 -7.07 3.22 1.25
C GLN A 50 -7.33 4.54 1.99
N VAL A 51 -8.57 4.76 2.45
CA VAL A 51 -8.83 5.82 3.40
C VAL A 51 -9.09 5.16 4.74
N VAL A 52 -8.46 5.71 5.76
CA VAL A 52 -8.30 4.93 6.97
C VAL A 52 -8.43 5.82 8.20
N ARG A 53 -9.29 5.40 9.10
CA ARG A 53 -9.41 6.03 10.40
C ARG A 53 -8.50 5.37 11.49
N LEU A 54 -7.72 6.18 12.23
CA LEU A 54 -6.69 5.67 13.15
C LEU A 54 -6.85 6.26 14.53
N HIS A 55 -6.80 5.43 15.54
CA HIS A 55 -6.69 5.82 17.00
C HIS A 55 -5.27 5.47 17.46
N VAL A 56 -4.54 6.51 17.90
CA VAL A 56 -3.09 6.46 18.17
C VAL A 56 -2.83 7.26 19.47
N ASP A 57 -2.26 6.62 20.52
CA ASP A 57 -1.78 7.49 21.60
C ASP A 57 -0.53 8.32 21.29
N VAL A 58 -0.68 9.63 21.40
CA VAL A 58 0.49 10.56 21.35
C VAL A 58 0.70 11.29 22.67
N ALA A 59 1.89 11.15 23.23
CA ALA A 59 2.21 11.75 24.56
C ALA A 59 1.19 11.31 25.59
N GLY A 60 0.64 12.21 26.35
CA GLY A 60 -0.49 11.78 27.21
C GLY A 60 -1.45 10.72 26.54
N GLU A 61 -1.94 10.98 25.34
CA GLU A 61 -3.18 10.37 25.00
C GLU A 61 -3.61 10.15 23.54
N ILE A 62 -4.90 9.91 23.46
CA ILE A 62 -5.50 9.28 22.35
C ILE A 62 -5.88 10.33 21.31
N ASN A 63 -5.14 10.28 20.21
CA ASN A 63 -5.47 11.07 19.07
C ASN A 63 -6.16 10.26 17.98
N THR A 64 -7.05 10.94 17.29
CA THR A 64 -7.79 10.37 16.23
C THR A 64 -7.45 11.15 14.94
N TRP A 65 -7.16 10.44 13.85
CA TRP A 65 -7.07 11.07 12.55
C TRP A 65 -7.46 10.11 11.45
N THR A 66 -7.61 10.69 10.27
CA THR A 66 -8.01 10.03 9.04
C THR A 66 -6.97 10.31 7.95
N SER A 67 -6.38 9.29 7.34
CA SER A 67 -5.55 9.54 6.16
C SER A 67 -5.94 8.83 4.95
N ARG A 68 -5.65 9.54 3.84
CA ARG A 68 -5.72 8.95 2.51
C ARG A 68 -4.35 8.45 2.17
N ARG A 69 -4.25 7.11 2.03
CA ARG A 69 -2.98 6.42 1.57
C ARG A 69 -3.07 6.04 0.11
N ASP A 70 -2.14 6.54 -0.70
CA ASP A 70 -2.09 6.18 -2.09
C ASP A 70 -0.98 5.19 -2.21
N LEU A 71 -1.29 3.94 -2.53
CA LEU A 71 -0.30 2.89 -2.47
C LEU A 71 0.25 2.58 -3.89
N ASP A 72 1.56 2.48 -4.02
CA ASP A 72 2.19 2.32 -5.35
C ASP A 72 3.27 1.26 -5.20
N PRO A 73 2.86 0.00 -5.30
CA PRO A 73 3.78 -1.11 -5.09
C PRO A 73 4.92 -1.14 -6.14
N ALA A 74 4.72 -0.59 -7.33
CA ALA A 74 5.74 -0.74 -8.37
C ALA A 74 6.82 0.27 -8.00
N ARG A 75 6.36 1.40 -7.47
CA ARG A 75 7.24 2.52 -7.11
C ARG A 75 7.86 2.27 -5.66
N ARG A 76 7.28 1.29 -4.92
CA ARG A 76 7.43 1.00 -3.46
C ARG A 76 7.35 2.26 -2.56
N VAL A 77 6.22 2.95 -2.69
CA VAL A 77 5.99 4.19 -2.07
C VAL A 77 4.48 4.22 -1.60
N ILE A 78 4.23 4.66 -0.36
CA ILE A 78 2.88 4.97 0.06
C ILE A 78 2.87 6.43 0.39
N ALA A 79 2.20 7.25 -0.44
CA ALA A 79 1.93 8.69 -0.16
C ALA A 79 0.70 8.76 0.79
N TYR A 80 0.84 9.50 1.89
CA TYR A 80 -0.27 9.70 2.83
C TYR A 80 -0.59 11.19 2.92
N ARG A 81 -1.88 11.55 3.13
CA ARG A 81 -2.31 12.94 3.46
C ARG A 81 -3.42 12.72 4.49
N GLN A 82 -3.33 13.41 5.65
CA GLN A 82 -4.36 13.33 6.69
C GLN A 82 -5.55 14.27 6.32
N LEU A 83 -6.77 13.74 6.26
CA LEU A 83 -8.01 14.46 5.88
C LEU A 83 -8.74 15.02 7.11
N GLU A 84 -8.42 14.45 8.27
CA GLU A 84 -8.87 14.94 9.54
C GLU A 84 -7.62 14.74 10.42
N THR A 85 -7.31 15.69 11.28
CA THR A 85 -6.02 15.69 11.97
C THR A 85 -6.26 15.87 13.50
N ALA A 86 -5.21 15.88 14.29
CA ALA A 86 -5.35 16.16 15.72
C ALA A 86 -5.47 17.67 15.88
N PRO A 87 -6.06 18.14 17.00
CA PRO A 87 -6.31 19.65 17.16
C PRO A 87 -5.14 20.63 16.89
N ILE A 88 -3.92 20.29 17.21
CA ILE A 88 -2.81 21.23 17.06
C ILE A 88 -2.24 21.14 15.64
N VAL A 89 -2.81 20.25 14.82
CA VAL A 89 -2.17 19.96 13.50
C VAL A 89 -2.95 20.62 12.46
N GLY A 90 -2.26 21.31 11.56
CA GLY A 90 -2.96 22.08 10.53
C GLY A 90 -2.79 21.30 9.28
N HIS A 91 -1.59 20.71 9.06
CA HIS A 91 -1.42 19.87 7.86
C HIS A 91 -0.46 18.77 8.15
N MET A 92 -0.64 17.61 7.48
CA MET A 92 0.20 16.45 7.73
C MET A 92 0.18 15.46 6.55
N SER A 93 1.34 15.36 5.85
CA SER A 93 1.49 14.52 4.71
C SER A 93 2.94 14.03 4.60
N GLY A 94 3.18 13.07 3.68
CA GLY A 94 4.49 12.46 3.55
C GLY A 94 4.46 11.20 2.68
N GLU A 95 5.55 10.42 2.78
CA GLU A 95 5.70 9.18 2.07
C GLU A 95 6.39 8.15 2.92
N TRP A 96 6.02 6.89 2.73
CA TRP A 96 6.92 5.74 3.02
C TRP A 96 7.59 5.39 1.72
N ARG A 97 8.90 5.10 1.75
CA ARG A 97 9.67 4.66 0.61
C ARG A 97 10.61 3.52 1.07
N ALA A 98 10.56 2.37 0.37
CA ALA A 98 11.33 1.18 0.61
C ALA A 98 12.28 1.01 -0.57
N PHE A 99 13.59 1.02 -0.42
CA PHE A 99 14.50 0.81 -1.50
C PHE A 99 15.19 -0.56 -1.33
N THR A 100 15.29 -1.34 -2.41
CA THR A 100 16.20 -2.46 -2.49
C THR A 100 17.65 -1.99 -2.26
N LEU A 101 18.27 -2.50 -1.17
CA LEU A 101 19.66 -2.28 -0.89
C LEU A 101 20.42 -3.50 -1.42
N ASP A 102 20.01 -4.69 -1.01
CA ASP A 102 20.34 -5.83 -1.80
C ASP A 102 19.18 -6.84 -1.73
N ALA A 103 19.44 -8.08 -2.08
CA ALA A 103 18.44 -9.18 -2.05
C ALA A 103 17.84 -9.42 -0.65
N GLU A 104 18.60 -9.08 0.36
CA GLU A 104 18.15 -9.34 1.69
C GLU A 104 17.90 -8.16 2.47
N ARG A 105 18.26 -6.96 2.00
CA ARG A 105 18.15 -5.76 2.84
C ARG A 105 17.41 -4.68 2.14
N THR A 106 16.75 -3.82 2.93
CA THR A 106 15.89 -2.79 2.35
C THR A 106 16.23 -1.54 3.11
N GLN A 107 16.37 -0.42 2.43
CA GLN A 107 16.40 0.88 3.10
C GLN A 107 14.93 1.37 3.25
N LEU A 108 14.55 1.72 4.48
CA LEU A 108 13.18 2.14 4.78
C LEU A 108 13.16 3.65 5.18
N VAL A 109 12.38 4.43 4.44
CA VAL A 109 12.22 5.82 4.66
C VAL A 109 10.76 6.29 4.93
N LEU A 110 10.65 7.21 5.88
CA LEU A 110 9.39 7.84 6.29
C LEU A 110 9.67 9.39 6.34
N THR A 111 8.88 10.17 5.54
CA THR A 111 8.91 11.64 5.48
C THR A 111 7.63 12.18 6.11
N HIS A 112 7.76 13.44 6.57
CA HIS A 112 6.63 14.19 7.13
C HIS A 112 6.67 15.58 6.64
N ASP A 113 5.54 16.07 6.12
CA ASP A 113 5.36 17.49 5.74
C ASP A 113 4.22 17.94 6.65
N PHE A 114 4.46 19.00 7.43
CA PHE A 114 3.67 19.29 8.55
C PHE A 114 3.68 20.77 8.94
N VAL A 115 2.56 21.24 9.42
CA VAL A 115 2.53 22.59 10.05
C VAL A 115 1.46 22.53 11.19
N THR A 116 1.67 23.29 12.26
CA THR A 116 0.57 23.53 13.27
C THR A 116 -0.66 24.25 12.76
N ARG A 117 -1.80 24.03 13.44
CA ARG A 117 -3.02 24.65 13.05
C ARG A 117 -2.87 26.18 13.23
N ALA A 118 -3.45 26.94 12.33
CA ALA A 118 -3.40 28.40 12.35
C ALA A 118 -4.06 28.99 13.68
N ALA A 119 -3.46 30.01 14.32
CA ALA A 119 -3.97 30.61 15.56
C ALA A 119 -5.38 31.15 15.25
N GLY A 120 -6.23 31.16 16.26
CA GLY A 120 -7.66 31.51 16.11
C GLY A 120 -7.75 32.93 16.58
N ASP A 121 -8.94 33.39 16.88
CA ASP A 121 -9.10 34.79 17.08
C ASP A 121 -8.62 35.19 18.47
N ASP A 122 -8.43 34.18 19.31
CA ASP A 122 -7.83 34.35 20.64
C ASP A 122 -6.26 34.35 20.62
N GLY A 123 -5.65 34.08 19.47
CA GLY A 123 -4.21 33.96 19.40
C GLY A 123 -3.68 32.57 19.83
N LEU A 124 -4.56 31.60 20.09
CA LEU A 124 -4.22 30.25 20.57
C LEU A 124 -4.50 29.30 19.48
N VAL A 125 -3.80 28.16 19.58
CA VAL A 125 -4.07 27.08 18.68
C VAL A 125 -4.93 26.04 19.43
N ALA A 126 -6.07 25.71 18.83
CA ALA A 126 -7.16 24.92 19.41
C ALA A 126 -7.61 25.50 20.69
N GLY A 127 -7.73 26.83 20.79
CA GLY A 127 -7.97 27.50 22.06
C GLY A 127 -7.16 27.09 23.29
N LYS A 128 -6.02 26.43 23.08
CA LYS A 128 -5.23 25.92 24.19
C LYS A 128 -3.75 26.32 24.22
N LEU A 129 -3.11 26.49 23.07
CA LEU A 129 -1.66 26.67 23.06
C LEU A 129 -1.26 27.91 22.27
N THR A 130 -0.18 28.59 22.68
CA THR A 130 0.42 29.69 21.86
C THR A 130 0.93 29.01 20.58
N PRO A 131 1.11 29.72 19.47
CA PRO A 131 1.71 28.97 18.37
C PRO A 131 3.12 28.38 18.68
N ASP A 132 3.96 29.01 19.50
CA ASP A 132 5.29 28.49 19.79
C ASP A 132 5.23 27.18 20.49
N GLU A 133 4.36 27.09 21.48
CA GLU A 133 3.96 25.84 22.21
C GLU A 133 3.48 24.71 21.31
N ALA A 134 2.50 24.99 20.47
CA ALA A 134 2.00 24.03 19.48
C ALA A 134 3.15 23.53 18.55
N ARG A 135 3.98 24.44 18.05
CA ARG A 135 5.13 24.05 17.23
C ARG A 135 6.09 23.11 17.84
N GLU A 136 6.39 23.44 19.07
CA GLU A 136 7.33 22.76 19.89
C GLU A 136 6.77 21.39 20.20
N MET A 137 5.50 21.32 20.58
CA MET A 137 4.86 20.04 20.84
C MET A 137 4.75 19.10 19.58
N LEU A 138 4.39 19.68 18.42
CA LEU A 138 4.38 18.94 17.15
C LEU A 138 5.72 18.47 16.70
N GLU A 139 6.79 19.24 16.79
CA GLU A 139 8.13 18.62 16.51
C GLU A 139 8.40 17.39 17.35
N ALA A 140 8.08 17.43 18.67
CA ALA A 140 8.41 16.36 19.59
C ALA A 140 7.68 15.06 19.22
N VAL A 141 6.49 15.23 18.70
CA VAL A 141 5.51 14.17 18.54
C VAL A 141 5.82 13.53 17.14
N VAL A 142 6.13 14.37 16.17
CA VAL A 142 6.53 13.83 14.90
C VAL A 142 7.84 13.03 15.00
N GLU A 143 8.84 13.61 15.70
CA GLU A 143 10.12 13.00 15.96
C GLU A 143 9.95 11.66 16.71
N ARG A 144 9.25 11.66 17.84
CA ARG A 144 8.97 10.43 18.58
C ARG A 144 8.31 9.27 17.77
N ASN A 145 7.29 9.58 17.02
CA ASN A 145 6.45 8.59 16.46
C ASN A 145 6.98 8.09 15.16
N SER A 146 7.68 8.94 14.48
CA SER A 146 8.38 8.63 13.30
C SER A 146 9.40 7.48 13.55
N VAL A 147 10.26 7.68 14.56
CA VAL A 147 11.20 6.67 15.11
C VAL A 147 10.47 5.34 15.52
N ALA A 148 9.35 5.41 16.24
CA ALA A 148 8.58 4.29 16.73
C ALA A 148 7.95 3.51 15.57
N ASP A 149 7.50 4.25 14.54
CA ASP A 149 6.86 3.65 13.36
C ASP A 149 7.85 2.87 12.49
N LEU A 150 8.93 3.55 12.12
CA LEU A 150 10.07 2.92 11.43
C LEU A 150 10.50 1.62 12.10
N ASN A 151 10.81 1.63 13.41
CA ASN A 151 11.18 0.46 14.23
C ASN A 151 10.06 -0.67 14.31
N ALA A 152 8.79 -0.26 14.37
CA ALA A 152 7.62 -1.18 14.34
C ALA A 152 7.71 -1.97 13.04
N VAL A 153 7.93 -1.26 11.92
CA VAL A 153 7.88 -1.89 10.61
C VAL A 153 9.07 -2.86 10.45
N LEU A 154 10.26 -2.42 10.87
CA LEU A 154 11.49 -3.20 10.82
C LEU A 154 11.38 -4.46 11.66
N GLY A 155 10.93 -4.34 12.95
CA GLY A 155 10.75 -5.46 13.88
C GLY A 155 9.82 -6.50 13.21
N GLU A 156 8.75 -6.02 12.62
CA GLU A 156 7.75 -6.87 11.99
C GLU A 156 8.22 -7.60 10.74
N ALA A 157 8.94 -6.89 9.88
CA ALA A 157 9.44 -7.53 8.68
C ALA A 157 10.48 -8.59 9.04
N GLU A 158 11.34 -8.26 9.97
CA GLU A 158 12.41 -9.19 10.40
C GLU A 158 11.82 -10.46 11.17
N ARG A 159 10.87 -10.26 12.09
CA ARG A 159 9.98 -11.29 12.63
C ARG A 159 9.46 -12.28 11.58
N ARG A 160 8.99 -11.77 10.44
CA ARG A 160 8.49 -12.55 9.34
C ARG A 160 9.53 -13.33 8.54
N VAL A 161 10.70 -12.74 8.34
CA VAL A 161 11.86 -13.48 7.92
C VAL A 161 12.20 -14.67 8.85
N ARG A 162 12.28 -14.45 10.19
CA ARG A 162 12.40 -15.60 11.07
C ARG A 162 11.34 -16.65 10.82
N ALA A 163 10.05 -16.29 10.80
CA ALA A 163 8.96 -17.31 10.70
C ALA A 163 8.97 -18.03 9.34
N ALA A 164 9.31 -17.36 8.22
CA ALA A 164 9.49 -18.04 6.90
C ALA A 164 10.76 -18.87 6.80
N GLY A 165 11.74 -18.56 7.62
CA GLY A 165 12.99 -19.35 7.69
C GLY A 165 12.99 -20.46 8.79
N GLY A 166 11.86 -20.53 9.54
CA GLY A 166 11.55 -21.40 10.73
C GLY A 166 11.43 -22.88 10.41
N VAL A 167 12.35 -23.69 10.93
CA VAL A 167 12.16 -25.10 11.02
C VAL A 167 11.27 -25.48 12.29
N GLY A 168 10.20 -26.29 12.14
CA GLY A 168 9.34 -26.63 13.27
C GLY A 168 9.98 -27.32 14.48
N THR A 169 9.54 -26.94 15.67
CA THR A 169 9.92 -27.64 16.91
C THR A 169 8.74 -27.88 17.85
N VAL A 170 9.15 -28.07 19.11
CA VAL A 170 8.30 -28.02 20.28
C VAL A 170 8.72 -26.74 21.06
N HIS B 3 29.03 -1.76 23.97
CA HIS B 3 27.79 -1.37 23.17
C HIS B 3 28.01 -0.51 21.87
N MET B 4 28.02 -1.19 20.73
CA MET B 4 28.07 -0.54 19.43
C MET B 4 26.77 0.23 19.11
N ARG B 5 26.87 1.49 18.71
CA ARG B 5 25.66 2.28 18.44
C ARG B 5 25.50 2.26 16.89
N HIS B 6 24.25 2.22 16.43
CA HIS B 6 23.91 2.31 15.01
C HIS B 6 22.99 3.57 14.76
N VAL B 7 23.41 4.53 13.92
CA VAL B 7 22.54 5.63 13.59
C VAL B 7 22.42 5.76 12.06
N GLU B 8 21.32 6.25 11.51
CA GLU B 8 21.26 6.56 10.11
C GLU B 8 20.55 7.88 9.95
N HIS B 9 21.02 8.67 8.99
CA HIS B 9 20.37 9.92 8.60
C HIS B 9 20.16 9.90 7.06
N THR B 10 19.14 10.65 6.61
CA THR B 10 18.88 10.73 5.19
C THR B 10 18.39 12.11 4.74
N VAL B 11 18.52 12.40 3.45
CA VAL B 11 18.00 13.67 2.91
C VAL B 11 17.63 13.30 1.47
N THR B 12 16.74 14.11 0.86
CA THR B 12 16.36 14.01 -0.55
C THR B 12 17.01 15.10 -1.33
N VAL B 13 17.73 14.69 -2.38
CA VAL B 13 18.55 15.64 -3.12
C VAL B 13 17.92 15.79 -4.49
N ALA B 14 17.67 17.03 -4.90
CA ALA B 14 17.18 17.35 -6.28
C ALA B 14 18.34 17.34 -7.34
N ALA B 15 18.96 16.18 -7.52
CA ALA B 15 20.09 16.04 -8.46
C ALA B 15 19.93 14.53 -8.77
N PRO B 16 20.31 14.06 -9.97
CA PRO B 16 20.35 12.63 -10.24
C PRO B 16 21.41 11.91 -9.42
N ALA B 17 21.15 10.63 -9.18
CA ALA B 17 22.02 9.79 -8.33
C ALA B 17 23.47 9.72 -8.83
N ASP B 18 23.68 9.70 -10.12
CA ASP B 18 24.98 9.60 -10.76
C ASP B 18 25.86 10.84 -10.43
N LEU B 19 25.20 12.01 -10.44
CA LEU B 19 25.82 13.24 -10.03
C LEU B 19 26.16 13.30 -8.48
N VAL B 20 25.26 12.84 -7.63
CA VAL B 20 25.51 12.67 -6.18
C VAL B 20 26.69 11.70 -5.96
N TRP B 21 26.64 10.59 -6.64
CA TRP B 21 27.76 9.68 -6.63
C TRP B 21 29.12 10.39 -6.99
N GLU B 22 29.10 11.21 -8.05
CA GLU B 22 30.34 11.88 -8.38
C GLU B 22 30.81 12.72 -7.19
N VAL B 23 29.93 13.52 -6.63
CA VAL B 23 30.21 14.22 -5.39
C VAL B 23 30.74 13.36 -4.14
N LEU B 24 30.19 12.19 -3.90
CA LEU B 24 30.62 11.35 -2.80
C LEU B 24 32.01 10.75 -3.05
N ALA B 25 32.26 10.41 -4.31
CA ALA B 25 33.43 9.68 -4.74
C ALA B 25 34.70 10.57 -4.70
N ASP B 26 34.50 11.86 -4.85
CA ASP B 26 35.56 12.89 -4.91
C ASP B 26 35.90 13.32 -3.39
N VAL B 27 36.62 12.47 -2.65
CA VAL B 27 37.01 12.74 -1.25
C VAL B 27 37.84 14.01 -1.03
N LEU B 28 38.66 14.34 -1.98
CA LEU B 28 39.44 15.56 -1.89
C LEU B 28 38.53 16.81 -1.92
N GLY B 29 37.47 16.78 -2.71
CA GLY B 29 36.45 17.84 -2.68
C GLY B 29 35.72 17.99 -1.33
N TYR B 30 35.90 17.09 -0.36
CA TYR B 30 35.24 17.19 0.99
C TYR B 30 35.67 18.44 1.80
N ALA B 31 36.96 18.79 1.71
CA ALA B 31 37.55 20.01 2.31
C ALA B 31 36.90 21.34 1.89
N ASP B 32 36.41 21.39 0.64
CA ASP B 32 35.76 22.55 0.06
C ASP B 32 34.28 22.58 0.42
N ILE B 33 33.61 21.43 0.49
CA ILE B 33 32.18 21.43 0.82
C ILE B 33 31.71 21.09 2.27
N PHE B 34 32.47 20.23 3.02
CA PHE B 34 32.14 19.88 4.43
C PHE B 34 32.65 20.96 5.41
N PRO B 35 31.72 21.80 5.99
CA PRO B 35 32.24 22.89 6.87
C PRO B 35 33.20 22.49 8.05
N PRO B 36 32.90 21.37 8.77
CA PRO B 36 33.89 21.04 9.85
C PRO B 36 35.13 20.30 9.37
N THR B 37 35.27 20.07 8.04
CA THR B 37 36.43 19.34 7.43
C THR B 37 37.49 20.29 6.93
N GLU B 38 38.57 20.40 7.70
CA GLU B 38 39.69 21.32 7.37
C GLU B 38 40.50 20.82 6.16
N LYS B 39 40.91 19.54 6.21
CA LYS B 39 41.92 18.97 5.31
C LYS B 39 41.64 17.47 4.99
N VAL B 40 42.08 17.05 3.80
CA VAL B 40 41.88 15.67 3.33
C VAL B 40 43.11 15.27 2.58
N GLU B 41 43.68 14.13 2.96
CA GLU B 41 44.78 13.55 2.24
C GLU B 41 44.40 12.18 1.81
N ILE B 42 44.79 11.84 0.59
CA ILE B 42 44.73 10.47 0.09
C ILE B 42 46.01 9.72 0.39
N LEU B 43 45.95 8.74 1.26
CA LEU B 43 47.22 8.12 1.56
C LEU B 43 47.51 7.01 0.58
N GLU B 44 46.48 6.29 0.13
CA GLU B 44 46.65 5.11 -0.71
C GLU B 44 45.41 4.99 -1.57
N GLU B 45 45.55 4.38 -2.73
CA GLU B 45 44.43 4.44 -3.63
C GLU B 45 44.59 3.43 -4.76
N GLY B 46 43.48 2.87 -5.21
CA GLY B 46 43.49 1.89 -6.27
C GLY B 46 42.08 1.67 -6.73
N GLN B 47 41.91 0.63 -7.50
CA GLN B 47 40.59 0.40 -8.03
C GLN B 47 39.63 0.02 -6.92
N GLY B 48 38.65 0.86 -6.71
CA GLY B 48 37.56 0.57 -5.80
C GLY B 48 37.89 0.98 -4.40
N TYR B 49 39.00 1.66 -4.15
CA TYR B 49 39.25 2.07 -2.73
C TYR B 49 40.05 3.34 -2.60
N GLN B 50 39.89 4.00 -1.45
CA GLN B 50 40.68 5.15 -1.09
C GLN B 50 41.03 4.98 0.38
N VAL B 51 42.32 5.13 0.76
CA VAL B 51 42.72 5.25 2.16
C VAL B 51 43.01 6.73 2.32
N VAL B 52 42.47 7.30 3.39
CA VAL B 52 42.31 8.73 3.55
C VAL B 52 42.64 9.10 5.04
N ARG B 53 43.35 10.21 5.26
CA ARG B 53 43.49 10.88 6.58
C ARG B 53 42.65 12.17 6.65
N LEU B 54 41.90 12.32 7.72
CA LEU B 54 41.00 13.43 7.85
C LEU B 54 41.32 14.33 9.01
N HIS B 55 41.26 15.64 8.75
CA HIS B 55 41.26 16.69 9.78
C HIS B 55 39.90 17.40 9.89
N VAL B 56 39.25 17.14 11.03
CA VAL B 56 37.86 17.50 11.32
C VAL B 56 37.69 17.86 12.82
N ASP B 57 36.77 18.78 13.12
CA ASP B 57 36.51 19.16 14.53
C ASP B 57 35.31 18.50 15.21
N VAL B 58 35.62 18.20 16.48
CA VAL B 58 34.94 17.25 17.33
C VAL B 58 34.78 18.11 18.56
N ALA B 59 33.66 18.83 18.60
CA ALA B 59 33.35 19.81 19.66
C ALA B 59 34.45 20.90 19.92
N GLY B 60 34.70 21.73 18.90
CA GLY B 60 35.47 22.98 19.02
C GLY B 60 36.95 22.96 18.67
N GLU B 61 37.44 21.80 18.24
CA GLU B 61 38.89 21.61 18.03
C GLU B 61 39.14 20.54 16.98
N ILE B 62 40.30 20.68 16.28
CA ILE B 62 40.71 19.82 15.13
C ILE B 62 41.33 18.42 15.52
N ASN B 63 40.81 17.39 14.89
CA ASN B 63 40.98 16.01 15.30
C ASN B 63 41.40 15.24 14.04
N THR B 64 42.15 14.16 14.23
CA THR B 64 42.65 13.44 13.09
C THR B 64 42.35 11.96 13.23
N TRP B 65 42.20 11.31 12.07
CA TRP B 65 41.96 9.88 11.99
C TRP B 65 42.12 9.44 10.52
N THR B 66 42.26 8.14 10.34
CA THR B 66 42.43 7.58 9.01
C THR B 66 41.28 6.55 8.74
N SER B 67 40.91 6.40 7.44
CA SER B 67 40.01 5.35 7.09
C SER B 67 40.12 4.80 5.67
N ARG B 68 39.71 3.54 5.57
CA ARG B 68 39.51 2.88 4.34
C ARG B 68 38.05 3.10 3.87
N ARG B 69 37.94 3.63 2.64
CA ARG B 69 36.72 3.69 1.84
C ARG B 69 36.79 2.66 0.73
N ASP B 70 35.78 1.75 0.68
CA ASP B 70 35.49 0.83 -0.45
C ASP B 70 34.26 1.28 -1.28
N LEU B 71 34.47 1.59 -2.55
CA LEU B 71 33.50 2.32 -3.34
C LEU B 71 32.90 1.38 -4.31
N ASP B 72 31.57 1.30 -4.34
CA ASP B 72 30.84 0.41 -5.25
C ASP B 72 29.92 1.29 -6.13
N PRO B 73 30.48 1.80 -7.22
CA PRO B 73 29.87 2.69 -8.21
C PRO B 73 28.56 2.14 -8.80
N ALA B 74 28.46 0.80 -8.91
CA ALA B 74 27.28 0.12 -9.50
C ALA B 74 26.09 0.19 -8.48
N ARG B 75 26.36 -0.08 -7.19
CA ARG B 75 25.36 0.09 -6.14
C ARG B 75 25.29 1.50 -5.68
N ARG B 76 26.32 2.33 -5.95
CA ARG B 76 26.44 3.71 -5.42
C ARG B 76 26.44 3.66 -3.87
N VAL B 77 27.34 2.81 -3.29
CA VAL B 77 27.59 2.68 -1.85
C VAL B 77 29.12 2.90 -1.62
N ILE B 78 29.44 3.72 -0.61
CA ILE B 78 30.79 3.77 -0.05
C ILE B 78 30.85 3.27 1.38
N ALA B 79 31.55 2.16 1.60
CA ALA B 79 31.61 1.48 2.95
C ALA B 79 32.87 2.13 3.57
N TYR B 80 32.78 2.84 4.71
CA TYR B 80 33.96 3.42 5.34
C TYR B 80 34.27 2.72 6.65
N ARG B 81 35.54 2.75 7.08
CA ARG B 81 35.96 2.12 8.33
C ARG B 81 37.20 2.87 8.76
N GLN B 82 37.20 3.43 9.98
CA GLN B 82 38.38 4.10 10.55
C GLN B 82 39.49 3.12 10.93
N LEU B 83 40.75 3.45 10.62
CA LEU B 83 41.84 2.54 10.87
C LEU B 83 42.58 3.06 12.11
N GLU B 84 43.20 4.22 11.95
CA GLU B 84 43.58 5.03 13.10
C GLU B 84 42.37 5.95 13.52
N THR B 85 41.79 5.62 14.68
CA THR B 85 40.62 6.32 15.30
C THR B 85 40.85 7.66 16.11
N ALA B 86 39.85 8.53 16.00
CA ALA B 86 39.76 9.77 16.74
C ALA B 86 39.94 9.47 18.25
N PRO B 87 40.43 10.42 19.08
CA PRO B 87 40.86 9.94 20.44
C PRO B 87 39.72 9.39 21.36
N ILE B 88 38.49 9.77 21.12
CA ILE B 88 37.45 9.24 21.92
C ILE B 88 36.75 8.12 21.23
N VAL B 89 37.18 7.75 20.01
CA VAL B 89 36.61 6.66 19.19
C VAL B 89 37.31 5.30 19.36
N GLY B 90 36.57 4.28 19.74
CA GLY B 90 37.01 2.91 19.73
C GLY B 90 36.79 2.27 18.37
N HIS B 91 35.62 2.49 17.74
CA HIS B 91 35.32 1.94 16.45
C HIS B 91 34.42 2.94 15.74
N MET B 92 34.53 3.03 14.40
CA MET B 92 33.72 3.92 13.61
C MET B 92 33.70 3.40 12.21
N SER B 93 32.52 3.00 11.75
CA SER B 93 32.34 2.63 10.34
C SER B 93 30.89 2.91 9.91
N GLY B 94 30.54 2.64 8.65
CA GLY B 94 29.21 2.95 8.16
C GLY B 94 29.30 3.05 6.67
N GLU B 95 28.30 3.65 6.06
CA GLU B 95 28.10 3.70 4.61
C GLU B 95 27.44 4.97 4.13
N TRP B 96 27.83 5.43 2.97
CA TRP B 96 27.09 6.41 2.18
C TRP B 96 26.41 5.56 1.09
N ARG B 97 25.09 5.76 0.94
CA ARG B 97 24.29 5.15 -0.10
C ARG B 97 23.49 6.21 -0.81
N ALA B 98 23.53 6.19 -2.14
CA ALA B 98 22.72 7.10 -3.00
C ALA B 98 21.67 6.20 -3.73
N PHE B 99 20.37 6.26 -3.39
CA PHE B 99 19.38 5.54 -4.14
C PHE B 99 18.70 6.37 -5.16
N THR B 100 18.23 5.76 -6.26
CA THR B 100 17.45 6.46 -7.25
C THR B 100 16.00 6.64 -6.76
N LEU B 101 15.54 7.88 -6.67
CA LEU B 101 14.13 8.14 -6.39
C LEU B 101 13.32 8.37 -7.74
N ASP B 102 13.91 9.10 -8.68
CA ASP B 102 13.36 9.12 -10.05
C ASP B 102 14.54 9.65 -10.87
N ALA B 103 14.30 10.11 -12.09
CA ALA B 103 15.37 10.52 -12.97
C ALA B 103 16.18 11.66 -12.36
N GLU B 104 15.54 12.50 -11.54
CA GLU B 104 16.20 13.75 -11.14
C GLU B 104 16.39 13.88 -9.62
N ARG B 105 16.13 12.85 -8.82
CA ARG B 105 16.19 13.01 -7.34
C ARG B 105 16.81 11.80 -6.74
N THR B 106 17.54 12.01 -5.67
CA THR B 106 18.28 10.92 -4.96
C THR B 106 17.87 10.88 -3.50
N GLN B 107 17.56 9.69 -2.97
CA GLN B 107 17.54 9.46 -1.55
C GLN B 107 18.98 9.24 -1.05
N LEU B 108 19.53 10.18 -0.28
CA LEU B 108 20.89 10.07 0.21
C LEU B 108 20.93 9.69 1.70
N VAL B 109 21.63 8.57 2.00
CA VAL B 109 21.81 7.98 3.31
C VAL B 109 23.25 7.97 3.76
N LEU B 110 23.49 8.37 5.02
CA LEU B 110 24.80 8.14 5.68
C LEU B 110 24.53 7.40 7.00
N THR B 111 25.21 6.29 7.30
CA THR B 111 24.96 5.50 8.57
C THR B 111 26.29 5.61 9.38
N HIS B 112 26.25 5.29 10.68
CA HIS B 112 27.39 5.29 11.58
C HIS B 112 27.17 4.11 12.50
N ASP B 113 28.20 3.28 12.62
CA ASP B 113 28.36 2.24 13.67
C ASP B 113 29.58 2.65 14.50
N PHE B 114 29.37 2.83 15.79
CA PHE B 114 30.43 3.40 16.57
C PHE B 114 30.39 3.05 18.05
N VAL B 115 31.53 3.07 18.74
CA VAL B 115 31.61 2.97 20.21
C VAL B 115 32.78 3.85 20.66
N THR B 116 32.70 4.42 21.85
CA THR B 116 33.85 5.22 22.40
C THR B 116 34.98 4.32 22.82
N ARG B 117 36.15 4.93 22.89
CA ARG B 117 37.34 4.28 23.40
C ARG B 117 37.07 3.87 24.87
N ALA B 118 37.62 2.75 25.31
CA ALA B 118 37.58 2.31 26.72
C ALA B 118 38.38 3.30 27.62
N ALA B 119 37.98 3.47 28.89
CA ALA B 119 38.82 4.24 29.82
C ALA B 119 40.22 3.59 30.01
N GLY B 120 41.22 4.42 30.27
CA GLY B 120 42.55 3.93 30.48
C GLY B 120 42.63 3.65 31.96
N ASP B 121 43.85 3.43 32.46
CA ASP B 121 44.08 3.23 33.88
C ASP B 121 43.78 4.42 34.77
N ASP B 122 43.65 5.60 34.20
CA ASP B 122 43.29 6.77 35.00
C ASP B 122 41.76 6.94 35.13
N GLY B 123 40.93 6.00 34.67
CA GLY B 123 39.49 6.18 34.74
C GLY B 123 38.86 7.04 33.65
N LEU B 124 39.66 7.57 32.74
CA LEU B 124 39.14 8.57 31.79
C LEU B 124 39.40 8.08 30.39
N VAL B 125 38.69 8.66 29.45
CA VAL B 125 38.83 8.40 28.04
C VAL B 125 39.70 9.53 27.49
N ALA B 126 40.82 9.16 26.84
CA ALA B 126 41.77 10.14 26.27
C ALA B 126 42.24 11.13 27.34
N GLY B 127 42.55 10.65 28.56
CA GLY B 127 43.04 11.52 29.63
C GLY B 127 42.19 12.70 30.09
N LYS B 128 40.97 12.85 29.61
CA LYS B 128 40.13 13.98 29.98
C LYS B 128 38.70 13.65 30.41
N LEU B 129 38.01 12.75 29.70
CA LEU B 129 36.54 12.61 29.81
C LEU B 129 36.07 11.45 30.64
N THR B 130 34.99 11.62 31.31
CA THR B 130 34.43 10.48 31.99
C THR B 130 33.88 9.56 30.91
N PRO B 131 33.83 8.26 31.21
CA PRO B 131 33.23 7.38 30.20
C PRO B 131 31.77 7.86 29.78
N ASP B 132 30.93 8.27 30.71
CA ASP B 132 29.60 8.75 30.35
C ASP B 132 29.74 10.01 29.57
N GLU B 133 30.61 10.92 29.94
CA GLU B 133 30.70 12.11 29.09
C GLU B 133 31.29 11.92 27.66
N ALA B 134 32.15 10.94 27.47
CA ALA B 134 32.70 10.60 26.13
C ALA B 134 31.61 9.93 25.21
N ARG B 135 30.78 9.10 25.85
CA ARG B 135 29.67 8.45 25.16
C ARG B 135 28.75 9.55 24.65
N GLU B 136 28.38 10.52 25.49
CA GLU B 136 27.40 11.54 25.02
C GLU B 136 27.94 12.57 23.99
N MET B 137 29.24 12.88 24.07
CA MET B 137 29.93 13.73 23.15
C MET B 137 30.11 13.06 21.81
N LEU B 138 30.37 11.75 21.78
CA LEU B 138 30.44 11.01 20.51
C LEU B 138 29.04 10.96 19.84
N GLU B 139 28.01 10.65 20.57
CA GLU B 139 26.70 10.78 19.89
C GLU B 139 26.35 12.17 19.34
N ALA B 140 26.72 13.23 20.10
CA ALA B 140 26.37 14.56 19.70
C ALA B 140 27.17 14.92 18.46
N VAL B 141 28.38 14.42 18.40
CA VAL B 141 29.25 14.72 17.24
C VAL B 141 28.73 14.00 16.00
N VAL B 142 28.34 12.76 16.12
CA VAL B 142 27.79 12.08 14.98
C VAL B 142 26.51 12.63 14.44
N GLU B 143 25.61 12.99 15.37
CA GLU B 143 24.36 13.71 15.08
C GLU B 143 24.64 14.98 14.28
N ARG B 144 25.51 15.82 14.83
CA ARG B 144 25.78 17.10 14.24
C ARG B 144 26.47 17.02 12.84
N ASN B 145 27.55 16.24 12.75
CA ASN B 145 28.25 16.08 11.49
C ASN B 145 27.50 15.27 10.46
N SER B 146 26.65 14.34 10.86
CA SER B 146 25.81 13.67 9.93
C SER B 146 24.93 14.60 9.17
N VAL B 147 24.14 15.39 9.89
CA VAL B 147 23.30 16.45 9.34
C VAL B 147 24.11 17.42 8.42
N ALA B 148 25.28 17.95 8.84
CA ALA B 148 26.02 18.96 8.16
C ALA B 148 26.60 18.39 6.89
N ASP B 149 27.12 17.16 6.98
CA ASP B 149 27.60 16.34 5.80
C ASP B 149 26.55 15.99 4.76
N LEU B 150 25.40 15.48 5.18
CA LEU B 150 24.34 15.19 4.25
C LEU B 150 23.87 16.43 3.45
N ASN B 151 23.66 17.52 4.18
CA ASN B 151 23.35 18.83 3.62
C ASN B 151 24.44 19.45 2.77
N ALA B 152 25.69 19.32 3.12
CA ALA B 152 26.77 19.79 2.26
C ALA B 152 26.82 19.11 0.90
N VAL B 153 26.53 17.79 0.88
CA VAL B 153 26.52 16.97 -0.36
C VAL B 153 25.32 17.36 -1.22
N LEU B 154 24.16 17.40 -0.59
CA LEU B 154 22.96 17.88 -1.24
C LEU B 154 23.16 19.26 -1.87
N GLY B 155 23.79 20.19 -1.16
CA GLY B 155 23.91 21.59 -1.63
C GLY B 155 24.84 21.65 -2.83
N GLU B 156 25.86 20.80 -2.83
CA GLU B 156 26.89 20.75 -3.92
C GLU B 156 26.42 20.10 -5.20
N ALA B 157 25.66 19.01 -5.06
CA ALA B 157 24.91 18.38 -6.16
C ALA B 157 23.86 19.33 -6.78
N GLU B 158 23.14 20.03 -5.92
CA GLU B 158 22.19 21.02 -6.48
C GLU B 158 22.88 22.26 -7.08
N ARG B 159 24.04 22.60 -6.56
CA ARG B 159 24.82 23.67 -7.15
C ARG B 159 25.29 23.25 -8.50
N ARG B 160 25.73 22.03 -8.69
CA ARG B 160 26.16 21.62 -10.05
C ARG B 160 25.02 21.51 -11.07
N VAL B 161 23.83 21.12 -10.64
CA VAL B 161 22.66 21.09 -11.52
C VAL B 161 22.29 22.48 -11.98
N ARG B 162 22.37 23.45 -11.05
CA ARG B 162 21.94 24.80 -11.34
C ARG B 162 23.01 25.42 -12.22
N ALA B 163 24.23 25.34 -11.71
CA ALA B 163 25.38 26.03 -12.21
C ALA B 163 25.97 25.32 -13.40
N ALA B 164 26.59 24.19 -13.04
CA ALA B 164 27.36 23.33 -13.94
C ALA B 164 26.53 22.77 -15.16
N GLY B 165 25.20 22.89 -15.09
CA GLY B 165 24.30 22.34 -16.10
C GLY B 165 23.72 23.54 -16.79
N GLY B 166 22.81 24.22 -16.09
CA GLY B 166 22.30 25.46 -16.60
C GLY B 166 20.81 25.75 -16.47
N VAL B 167 20.43 26.97 -16.85
CA VAL B 167 21.37 27.93 -17.47
C VAL B 167 21.92 28.96 -16.47
N HIS C 3 -7.84 -8.59 -19.89
CA HIS C 3 -9.14 -8.03 -19.41
C HIS C 3 -9.06 -6.58 -18.82
N MET C 4 -8.18 -6.35 -17.83
CA MET C 4 -7.78 -4.97 -17.59
C MET C 4 -6.86 -4.56 -18.75
N ARG C 5 -7.09 -3.40 -19.31
CA ARG C 5 -6.26 -3.04 -20.46
C ARG C 5 -5.21 -2.01 -20.12
N HIS C 6 -4.02 -2.20 -20.67
CA HIS C 6 -2.97 -1.24 -20.42
C HIS C 6 -2.41 -0.71 -21.73
N VAL C 7 -2.52 0.61 -21.94
CA VAL C 7 -1.94 1.25 -23.13
C VAL C 7 -1.06 2.48 -22.79
N GLU C 8 -0.11 2.83 -23.65
CA GLU C 8 0.76 3.99 -23.38
C GLU C 8 1.02 4.68 -24.73
N HIS C 9 0.95 6.02 -24.71
CA HIS C 9 1.21 6.85 -25.88
C HIS C 9 2.29 7.88 -25.56
N THR C 10 3.01 8.36 -26.56
CA THR C 10 4.12 9.28 -26.32
C THR C 10 4.44 10.24 -27.47
N VAL C 11 4.87 11.44 -27.07
CA VAL C 11 5.17 12.51 -28.00
C VAL C 11 6.51 13.16 -27.51
N THR C 12 7.27 13.83 -28.37
CA THR C 12 8.48 14.52 -27.84
C THR C 12 8.16 15.97 -27.98
N VAL C 13 8.12 16.73 -26.88
CA VAL C 13 7.72 18.12 -26.99
C VAL C 13 8.93 19.06 -27.06
N ALA C 14 8.95 19.97 -28.05
CA ALA C 14 10.00 21.00 -28.08
C ALA C 14 9.79 22.16 -27.07
N ALA C 15 9.87 21.81 -25.79
CA ALA C 15 9.64 22.76 -24.69
C ALA C 15 10.20 22.10 -23.43
N PRO C 16 10.87 22.90 -22.51
CA PRO C 16 11.41 22.31 -21.25
C PRO C 16 10.36 21.57 -20.40
N ALA C 17 10.81 20.65 -19.57
CA ALA C 17 9.90 19.76 -18.76
C ALA C 17 8.98 20.53 -17.84
N ASP C 18 9.54 21.52 -17.16
CA ASP C 18 8.75 22.46 -16.28
C ASP C 18 7.64 23.29 -16.98
N LEU C 19 7.88 23.72 -18.23
CA LEU C 19 6.85 24.39 -18.98
C LEU C 19 5.79 23.38 -19.34
N VAL C 20 6.19 22.20 -19.87
CA VAL C 20 5.24 21.09 -20.12
C VAL C 20 4.39 20.76 -18.87
N TRP C 21 5.07 20.70 -17.70
CA TRP C 21 4.39 20.55 -16.37
C TRP C 21 3.28 21.60 -16.13
N GLU C 22 3.57 22.87 -16.43
CA GLU C 22 2.62 23.93 -16.30
C GLU C 22 1.38 23.70 -17.14
N VAL C 23 1.54 23.14 -18.34
CA VAL C 23 0.41 22.88 -19.25
C VAL C 23 -0.46 21.69 -18.72
N LEU C 24 0.16 20.57 -18.33
CA LEU C 24 -0.51 19.39 -17.70
C LEU C 24 -1.33 19.69 -16.42
N ALA C 25 -0.76 20.56 -15.56
CA ALA C 25 -1.32 20.93 -14.22
C ALA C 25 -2.54 21.86 -14.31
N ASP C 26 -2.63 22.61 -15.39
CA ASP C 26 -3.68 23.58 -15.51
C ASP C 26 -4.92 22.85 -16.13
N VAL C 27 -5.62 21.99 -15.34
CA VAL C 27 -6.79 21.30 -15.90
C VAL C 27 -7.89 22.19 -16.50
N LEU C 28 -8.18 23.34 -15.91
CA LEU C 28 -9.22 24.17 -16.52
C LEU C 28 -8.82 24.83 -17.89
N GLY C 29 -7.57 24.60 -18.30
CA GLY C 29 -7.04 25.08 -19.54
C GLY C 29 -7.25 24.07 -20.65
N TYR C 30 -7.51 22.81 -20.28
CA TYR C 30 -7.96 21.73 -21.15
C TYR C 30 -9.21 22.08 -22.00
N ALA C 31 -10.14 22.89 -21.49
CA ALA C 31 -11.33 23.17 -22.29
C ALA C 31 -10.92 23.99 -23.53
N ASP C 32 -9.79 24.69 -23.38
CA ASP C 32 -9.26 25.62 -24.44
C ASP C 32 -8.50 24.83 -25.48
N ILE C 33 -7.68 23.87 -25.04
CA ILE C 33 -6.71 23.19 -25.93
C ILE C 33 -7.00 21.75 -26.39
N PHE C 34 -7.68 20.96 -25.58
CA PHE C 34 -8.04 19.58 -25.90
C PHE C 34 -9.29 19.66 -26.68
N PRO C 35 -9.30 19.27 -27.97
CA PRO C 35 -10.55 19.49 -28.76
C PRO C 35 -11.83 18.62 -28.45
N PRO C 36 -11.65 17.29 -28.24
CA PRO C 36 -12.56 16.44 -27.43
C PRO C 36 -13.16 17.02 -26.10
N THR C 37 -12.39 17.88 -25.39
CA THR C 37 -12.78 18.45 -24.09
C THR C 37 -13.61 19.73 -24.29
N GLU C 38 -14.91 19.57 -24.05
CA GLU C 38 -15.89 20.59 -24.22
C GLU C 38 -16.08 21.42 -22.92
N LYS C 39 -15.76 20.82 -21.76
CA LYS C 39 -15.77 21.51 -20.46
C LYS C 39 -14.94 20.78 -19.36
N VAL C 40 -14.57 21.56 -18.33
CA VAL C 40 -13.77 21.13 -17.18
C VAL C 40 -14.21 22.00 -16.03
N GLU C 41 -14.70 21.37 -14.97
CA GLU C 41 -14.95 22.13 -13.77
C GLU C 41 -14.29 21.42 -12.60
N ILE C 42 -14.05 22.17 -11.53
CA ILE C 42 -13.26 21.71 -10.42
C ILE C 42 -14.15 21.51 -9.21
N LEU C 43 -14.41 20.25 -8.89
CA LEU C 43 -15.30 19.94 -7.81
C LEU C 43 -14.51 20.16 -6.52
N GLU C 44 -13.20 19.94 -6.60
CA GLU C 44 -12.24 20.39 -5.58
C GLU C 44 -10.75 20.34 -5.95
N GLU C 45 -9.98 21.21 -5.30
CA GLU C 45 -8.59 21.55 -5.64
C GLU C 45 -7.94 21.71 -4.25
N GLY C 46 -6.78 21.11 -4.05
CA GLY C 46 -6.10 21.18 -2.74
C GLY C 46 -4.63 21.20 -3.07
N GLN C 47 -3.76 21.37 -2.08
CA GLN C 47 -2.33 21.38 -2.37
C GLN C 47 -1.99 20.26 -3.38
N GLY C 48 -2.19 19.00 -3.09
CA GLY C 48 -1.63 18.10 -4.15
C GLY C 48 -2.54 17.41 -5.16
N TYR C 49 -3.66 18.03 -5.51
CA TYR C 49 -4.70 17.31 -6.23
C TYR C 49 -5.88 18.16 -6.72
N GLN C 50 -6.61 17.59 -7.67
CA GLN C 50 -7.86 18.08 -8.23
C GLN C 50 -8.85 16.93 -8.45
N VAL C 51 -10.12 17.20 -8.12
CA VAL C 51 -11.28 16.38 -8.44
C VAL C 51 -12.11 17.12 -9.48
N VAL C 52 -12.38 16.42 -10.56
CA VAL C 52 -12.69 17.10 -11.78
C VAL C 52 -13.87 16.32 -12.39
N ARG C 53 -14.87 17.04 -12.90
CA ARG C 53 -15.88 16.42 -13.71
C ARG C 53 -15.52 16.83 -15.14
N LEU C 54 -15.36 15.82 -15.98
CA LEU C 54 -15.03 16.07 -17.35
C LEU C 54 -16.18 15.79 -18.31
N HIS C 55 -16.44 16.82 -19.13
CA HIS C 55 -17.32 16.68 -20.30
C HIS C 55 -16.44 16.65 -21.57
N VAL C 56 -16.39 15.47 -22.20
CA VAL C 56 -15.49 15.13 -23.32
C VAL C 56 -16.24 14.13 -24.29
N ASP C 57 -16.10 14.24 -25.61
CA ASP C 57 -16.93 13.38 -26.48
C ASP C 57 -16.48 11.92 -26.83
N VAL C 58 -17.40 10.95 -26.65
CA VAL C 58 -17.18 9.57 -27.16
C VAL C 58 -18.08 9.31 -28.37
N ALA C 59 -17.44 9.07 -29.53
CA ALA C 59 -18.16 8.90 -30.77
C ALA C 59 -19.26 9.96 -30.93
N GLY C 60 -18.87 11.23 -30.83
CA GLY C 60 -19.78 12.35 -31.16
C GLY C 60 -20.83 12.69 -30.13
N GLU C 61 -20.68 12.18 -28.90
CA GLU C 61 -21.55 12.55 -27.78
C GLU C 61 -20.69 12.95 -26.63
N ILE C 62 -21.03 14.07 -26.00
CA ILE C 62 -20.12 14.69 -25.02
C ILE C 62 -20.26 14.10 -23.58
N ASN C 63 -19.72 12.88 -23.42
CA ASN C 63 -19.89 11.98 -22.25
C ASN C 63 -19.21 12.40 -20.92
N THR C 64 -19.82 12.02 -19.79
CA THR C 64 -19.53 12.63 -18.46
C THR C 64 -19.03 11.71 -17.33
N TRP C 65 -17.95 12.14 -16.66
CA TRP C 65 -17.34 11.40 -15.53
C TRP C 65 -16.67 12.23 -14.41
N THR C 66 -16.54 11.61 -13.23
CA THR C 66 -15.88 12.22 -12.05
C THR C 66 -14.47 11.59 -11.87
N SER C 67 -13.45 12.42 -11.70
CA SER C 67 -12.09 11.92 -11.79
C SER C 67 -11.10 12.67 -10.84
N ARG C 68 -10.37 11.94 -10.00
CA ARG C 68 -9.31 12.51 -9.13
C ARG C 68 -7.94 12.42 -9.80
N ARG C 69 -7.24 13.56 -9.75
CA ARG C 69 -5.87 13.79 -10.21
C ARG C 69 -4.96 14.14 -8.95
N ASP C 70 -3.88 13.41 -8.83
CA ASP C 70 -2.93 13.61 -7.79
C ASP C 70 -1.64 14.06 -8.49
N LEU C 71 -1.26 15.30 -8.26
CA LEU C 71 -0.18 15.95 -9.00
C LEU C 71 1.10 15.86 -8.09
N ASP C 72 2.21 15.53 -8.73
CA ASP C 72 3.50 15.37 -8.07
C ASP C 72 4.47 16.10 -8.97
N PRO C 73 4.69 17.38 -8.73
CA PRO C 73 5.61 18.12 -9.67
C PRO C 73 7.13 17.75 -9.44
N ALA C 74 7.51 17.22 -8.24
CA ALA C 74 8.85 16.69 -8.03
C ALA C 74 9.15 15.47 -8.93
N ARG C 75 8.20 14.52 -9.05
CA ARG C 75 8.33 13.35 -9.94
C ARG C 75 7.95 13.70 -11.35
N ARG C 76 7.30 14.87 -11.55
CA ARG C 76 6.60 15.21 -12.85
C ARG C 76 5.63 14.15 -13.43
N VAL C 77 4.77 13.71 -12.51
CA VAL C 77 3.71 12.74 -12.73
C VAL C 77 2.34 13.28 -12.29
N ILE C 78 1.34 13.07 -13.12
CA ILE C 78 -0.08 13.20 -12.69
C ILE C 78 -0.80 11.85 -12.82
N ALA C 79 -1.25 11.35 -11.68
CA ALA C 79 -1.92 10.09 -11.55
C ALA C 79 -3.40 10.41 -11.36
N TYR C 80 -4.23 9.93 -12.27
CA TYR C 80 -5.66 10.19 -12.23
C TYR C 80 -6.39 8.82 -12.04
N ARG C 81 -7.59 8.86 -11.53
CA ARG C 81 -8.36 7.68 -11.33
C ARG C 81 -9.81 8.20 -11.47
N GLN C 82 -10.60 7.54 -12.30
CA GLN C 82 -12.02 7.90 -12.41
C GLN C 82 -12.78 7.45 -11.17
N LEU C 83 -13.71 8.28 -10.69
CA LEU C 83 -14.52 8.01 -9.47
C LEU C 83 -15.92 7.57 -9.86
N GLU C 84 -16.50 8.24 -10.83
CA GLU C 84 -17.83 7.86 -11.29
C GLU C 84 -17.70 7.02 -12.56
N THR C 85 -17.87 5.72 -12.30
CA THR C 85 -17.92 4.66 -13.30
C THR C 85 -18.91 5.24 -14.31
N ALA C 86 -18.38 5.51 -15.52
CA ALA C 86 -19.15 6.08 -16.63
C ALA C 86 -20.06 4.97 -17.14
N PRO C 87 -20.74 5.19 -18.29
CA PRO C 87 -21.77 4.20 -18.66
C PRO C 87 -21.14 2.91 -19.20
N ILE C 88 -20.18 3.15 -20.06
CA ILE C 88 -19.40 2.21 -20.80
C ILE C 88 -18.08 1.88 -20.05
N VAL C 89 -17.58 2.81 -19.23
CA VAL C 89 -16.35 2.61 -18.44
C VAL C 89 -16.50 1.87 -17.05
N GLY C 90 -15.71 0.80 -16.88
CA GLY C 90 -15.55 0.08 -15.60
C GLY C 90 -14.52 0.68 -14.65
N HIS C 91 -13.38 0.99 -15.21
CA HIS C 91 -12.30 1.50 -14.48
C HIS C 91 -11.55 2.34 -15.45
N MET C 92 -11.09 3.50 -15.03
CA MET C 92 -10.24 4.30 -15.84
C MET C 92 -9.27 5.04 -14.98
N SER C 93 -8.06 4.53 -14.95
CA SER C 93 -6.96 5.23 -14.32
C SER C 93 -5.71 5.29 -15.27
N GLY C 94 -4.62 5.82 -14.73
CA GLY C 94 -3.38 6.02 -15.40
C GLY C 94 -2.53 7.21 -14.91
N GLU C 95 -1.59 7.67 -15.75
CA GLU C 95 -0.56 8.68 -15.38
C GLU C 95 -0.21 9.44 -16.66
N TRP C 96 -0.10 10.77 -16.53
CA TRP C 96 0.75 11.59 -17.40
C TRP C 96 2.15 11.57 -16.78
N ARG C 97 3.18 11.42 -17.62
CA ARG C 97 4.58 11.45 -17.11
C ARG C 97 5.36 12.38 -18.03
N ALA C 98 6.13 13.32 -17.49
CA ALA C 98 7.07 14.10 -18.31
C ALA C 98 8.51 13.75 -17.91
N PHE C 99 9.37 13.56 -18.88
CA PHE C 99 10.79 13.29 -18.67
C PHE C 99 11.57 14.36 -19.44
N THR C 100 12.64 14.86 -18.85
CA THR C 100 13.66 15.71 -19.50
C THR C 100 14.41 14.87 -20.50
N LEU C 101 14.40 15.28 -21.76
CA LEU C 101 15.14 14.57 -22.77
C LEU C 101 16.44 15.29 -22.93
N ASP C 102 16.32 16.61 -22.94
CA ASP C 102 17.43 17.51 -22.72
C ASP C 102 16.93 18.88 -22.25
N ALA C 103 17.87 19.74 -21.89
CA ALA C 103 17.71 21.20 -21.86
C ALA C 103 16.37 21.78 -22.44
N GLU C 104 16.06 21.47 -23.71
CA GLU C 104 14.88 22.06 -24.35
C GLU C 104 13.80 21.11 -24.93
N ARG C 105 13.81 19.82 -24.53
CA ARG C 105 12.84 18.84 -25.07
C ARG C 105 12.33 17.92 -24.01
N THR C 106 11.05 17.62 -24.08
CA THR C 106 10.48 16.79 -23.06
C THR C 106 9.94 15.50 -23.66
N GLN C 107 10.16 14.36 -23.01
CA GLN C 107 9.46 13.15 -23.44
C GLN C 107 8.13 13.09 -22.74
N LEU C 108 7.03 13.13 -23.46
CA LEU C 108 5.73 13.16 -22.75
C LEU C 108 4.99 11.88 -22.96
N VAL C 109 4.59 11.26 -21.86
CA VAL C 109 3.91 9.96 -21.88
C VAL C 109 2.50 10.11 -21.23
N LEU C 110 1.54 9.36 -21.80
CA LEU C 110 0.20 9.20 -21.22
C LEU C 110 -0.24 7.70 -21.21
N THR C 111 -0.53 7.16 -20.02
CA THR C 111 -1.06 5.77 -19.89
C THR C 111 -2.55 5.71 -19.48
N HIS C 112 -3.15 4.55 -19.75
CA HIS C 112 -4.58 4.23 -19.46
C HIS C 112 -4.64 2.84 -19.01
N ASP C 113 -5.29 2.59 -17.88
CA ASP C 113 -5.58 1.23 -17.35
C ASP C 113 -7.09 1.20 -17.35
N PHE C 114 -7.69 0.32 -18.09
CA PHE C 114 -9.13 0.46 -18.33
C PHE C 114 -9.78 -0.90 -18.56
N VAL C 115 -11.07 -0.98 -18.24
CA VAL C 115 -11.90 -2.06 -18.64
C VAL C 115 -13.31 -1.49 -18.76
N THR C 116 -14.06 -2.00 -19.74
CA THR C 116 -15.50 -1.75 -19.88
C THR C 116 -16.31 -2.18 -18.67
N ARG C 117 -17.54 -1.66 -18.56
CA ARG C 117 -18.50 -2.22 -17.59
C ARG C 117 -18.87 -3.70 -17.89
N ALA C 118 -19.01 -4.46 -16.81
CA ALA C 118 -19.67 -5.75 -16.85
C ALA C 118 -21.10 -5.56 -17.37
N ALA C 119 -21.62 -6.57 -18.06
CA ALA C 119 -22.99 -6.58 -18.55
C ALA C 119 -23.97 -6.96 -17.46
N GLY C 120 -25.20 -6.49 -17.59
CA GLY C 120 -26.23 -6.66 -16.60
C GLY C 120 -26.71 -8.07 -16.47
N ASP C 121 -27.84 -8.37 -17.09
CA ASP C 121 -28.32 -9.74 -17.14
C ASP C 121 -28.92 -9.85 -18.51
N ASP C 122 -28.86 -8.70 -19.19
CA ASP C 122 -29.43 -8.50 -20.51
C ASP C 122 -28.47 -9.10 -21.55
N GLY C 123 -27.21 -9.21 -21.16
CA GLY C 123 -26.12 -9.62 -22.05
C GLY C 123 -25.53 -8.40 -22.71
N LEU C 124 -25.84 -7.23 -22.13
CA LEU C 124 -25.44 -5.93 -22.69
C LEU C 124 -25.01 -4.81 -21.69
N VAL C 125 -24.04 -3.99 -22.11
CA VAL C 125 -23.47 -2.88 -21.30
C VAL C 125 -24.08 -1.54 -21.72
N ALA C 126 -24.22 -0.60 -20.79
CA ALA C 126 -24.91 0.68 -21.04
C ALA C 126 -26.36 0.56 -21.60
N GLY C 127 -27.09 -0.47 -21.16
CA GLY C 127 -28.51 -0.62 -21.46
C GLY C 127 -28.93 -0.87 -22.91
N LYS C 128 -27.92 -1.12 -23.77
CA LYS C 128 -28.05 -1.41 -25.23
C LYS C 128 -26.84 -2.17 -25.88
N LEU C 129 -25.65 -1.54 -25.94
CA LEU C 129 -24.38 -2.12 -26.49
C LEU C 129 -24.03 -3.59 -26.13
N THR C 130 -23.54 -4.36 -27.11
CA THR C 130 -22.95 -5.67 -26.84
C THR C 130 -21.61 -5.51 -26.06
N PRO C 131 -21.18 -6.57 -25.31
CA PRO C 131 -19.85 -6.46 -24.62
C PRO C 131 -18.62 -6.42 -25.56
N ASP C 132 -18.78 -6.87 -26.79
CA ASP C 132 -17.76 -6.66 -27.77
C ASP C 132 -17.82 -5.24 -28.41
N GLU C 133 -19.01 -4.76 -28.78
CA GLU C 133 -19.13 -3.35 -29.24
C GLU C 133 -18.73 -2.31 -28.17
N ALA C 134 -18.96 -2.64 -26.89
CA ALA C 134 -18.54 -1.75 -25.80
C ALA C 134 -17.00 -1.83 -25.66
N ARG C 135 -16.47 -3.04 -25.73
CA ARG C 135 -15.03 -3.23 -25.79
C ARG C 135 -14.44 -2.39 -26.92
N GLU C 136 -14.97 -2.55 -28.15
CA GLU C 136 -14.34 -1.90 -29.32
C GLU C 136 -14.39 -0.36 -29.27
N MET C 137 -15.52 0.17 -28.76
CA MET C 137 -15.71 1.61 -28.58
C MET C 137 -14.80 2.27 -27.57
N LEU C 138 -14.67 1.69 -26.35
CA LEU C 138 -13.83 2.24 -25.32
C LEU C 138 -12.43 2.24 -25.85
N GLU C 139 -12.03 1.09 -26.38
CA GLU C 139 -10.71 1.00 -26.97
C GLU C 139 -10.41 2.03 -28.05
N ALA C 140 -11.35 2.35 -28.94
CA ALA C 140 -11.10 3.36 -29.96
C ALA C 140 -11.11 4.80 -29.38
N VAL C 141 -12.08 5.07 -28.52
CA VAL C 141 -12.13 6.30 -27.74
C VAL C 141 -10.79 6.62 -27.02
N VAL C 142 -10.16 5.66 -26.34
CA VAL C 142 -8.87 5.94 -25.67
C VAL C 142 -7.67 6.09 -26.60
N GLU C 143 -7.63 5.32 -27.69
CA GLU C 143 -6.71 5.58 -28.80
C GLU C 143 -6.90 7.01 -29.37
N ARG C 144 -8.16 7.41 -29.60
CA ARG C 144 -8.43 8.71 -30.20
C ARG C 144 -8.07 9.84 -29.28
N ASN C 145 -8.50 9.76 -28.01
CA ASN C 145 -8.41 10.92 -27.11
C ASN C 145 -7.03 11.00 -26.51
N SER C 146 -6.34 9.86 -26.57
CA SER C 146 -4.95 9.77 -26.16
C SER C 146 -4.05 10.57 -27.04
N VAL C 147 -4.12 10.32 -28.37
CA VAL C 147 -3.24 11.02 -29.26
C VAL C 147 -3.73 12.49 -29.38
N ALA C 148 -5.05 12.75 -29.42
CA ALA C 148 -5.58 14.12 -29.46
C ALA C 148 -4.98 14.96 -28.27
N ASP C 149 -5.13 14.45 -27.03
CA ASP C 149 -4.58 15.08 -25.80
C ASP C 149 -3.05 15.37 -25.77
N LEU C 150 -2.23 14.35 -26.04
CA LEU C 150 -0.76 14.47 -26.17
C LEU C 150 -0.40 15.60 -27.17
N ASN C 151 -0.86 15.49 -28.40
CA ASN C 151 -0.72 16.57 -29.31
C ASN C 151 -1.29 17.96 -28.95
N ALA C 152 -2.41 18.05 -28.20
CA ALA C 152 -2.86 19.38 -27.72
C ALA C 152 -1.81 19.97 -26.74
N VAL C 153 -1.21 19.11 -25.89
CA VAL C 153 -0.30 19.52 -24.84
C VAL C 153 1.04 19.97 -25.45
N LEU C 154 1.52 19.20 -26.42
CA LEU C 154 2.70 19.61 -27.15
C LEU C 154 2.47 20.93 -27.89
N GLY C 155 1.28 21.09 -28.46
CA GLY C 155 1.00 22.26 -29.25
C GLY C 155 1.01 23.46 -28.35
N GLU C 156 0.37 23.34 -27.19
CA GLU C 156 0.27 24.46 -26.27
C GLU C 156 1.60 24.85 -25.67
N ALA C 157 2.36 23.89 -25.19
CA ALA C 157 3.67 24.16 -24.67
C ALA C 157 4.61 24.77 -25.68
N GLU C 158 4.72 24.19 -26.89
CA GLU C 158 5.63 24.75 -27.93
C GLU C 158 5.24 26.19 -28.25
N ARG C 159 3.93 26.43 -28.19
CA ARG C 159 3.40 27.75 -28.54
C ARG C 159 3.71 28.69 -27.35
N ARG C 160 3.84 28.14 -26.14
CA ARG C 160 4.29 28.96 -24.99
C ARG C 160 5.78 29.34 -25.07
N VAL C 161 6.63 28.43 -25.57
CA VAL C 161 8.05 28.69 -25.78
C VAL C 161 8.28 29.95 -26.65
N ARG C 162 7.62 29.96 -27.81
CA ARG C 162 7.76 30.97 -28.87
C ARG C 162 7.23 32.28 -28.33
N ALA C 163 6.09 32.22 -27.65
CA ALA C 163 5.57 33.39 -26.96
C ALA C 163 6.58 33.89 -25.87
N ALA C 164 7.00 33.01 -24.96
CA ALA C 164 7.91 33.37 -23.85
C ALA C 164 9.36 33.69 -24.26
N GLY C 165 9.59 33.80 -25.57
CA GLY C 165 10.84 34.34 -26.13
C GLY C 165 10.72 35.85 -26.21
N GLY C 166 10.20 36.45 -25.12
CA GLY C 166 9.98 37.91 -25.04
C GLY C 166 11.23 38.68 -24.66
N HIS D 3 6.47 15.27 -46.66
CA HIS D 3 5.87 13.91 -46.67
C HIS D 3 6.58 12.91 -45.70
N MET D 4 7.75 13.29 -45.14
CA MET D 4 8.47 12.48 -44.12
C MET D 4 7.65 12.34 -42.83
N ARG D 5 7.52 11.11 -42.32
CA ARG D 5 6.61 10.83 -41.22
C ARG D 5 7.36 10.52 -39.90
N HIS D 6 6.72 10.84 -38.78
CA HIS D 6 7.37 10.70 -37.44
C HIS D 6 6.42 9.99 -36.51
N VAL D 7 6.90 8.86 -35.95
CA VAL D 7 6.14 8.02 -34.94
C VAL D 7 6.98 7.66 -33.69
N GLU D 8 6.33 7.46 -32.54
CA GLU D 8 6.97 7.05 -31.30
C GLU D 8 6.07 6.17 -30.57
N HIS D 9 6.68 5.22 -29.88
CA HIS D 9 6.02 4.15 -29.16
C HIS D 9 6.82 3.98 -27.85
N THR D 10 6.16 3.44 -26.82
CA THR D 10 6.71 3.35 -25.54
C THR D 10 6.07 2.19 -24.78
N VAL D 11 6.85 1.68 -23.85
CA VAL D 11 6.43 0.63 -22.99
C VAL D 11 7.14 0.95 -21.64
N THR D 12 6.60 0.49 -20.53
CA THR D 12 7.14 0.61 -19.17
C THR D 12 7.76 -0.72 -18.83
N VAL D 13 9.02 -0.71 -18.39
CA VAL D 13 9.74 -2.02 -18.22
C VAL D 13 10.05 -2.16 -16.74
N ALA D 14 9.72 -3.34 -16.19
CA ALA D 14 10.06 -3.70 -14.83
C ALA D 14 11.55 -4.14 -14.75
N ALA D 15 12.44 -3.22 -15.09
CA ALA D 15 13.87 -3.47 -14.94
C ALA D 15 14.54 -2.10 -14.86
N PRO D 16 15.64 -2.00 -14.07
CA PRO D 16 16.39 -0.74 -14.00
C PRO D 16 16.97 -0.38 -15.38
N ALA D 17 17.05 0.93 -15.64
CA ALA D 17 17.41 1.43 -16.96
C ALA D 17 18.88 1.15 -17.35
N ASP D 18 19.78 0.94 -16.39
CA ASP D 18 21.10 0.39 -16.68
C ASP D 18 21.04 -1.07 -17.28
N LEU D 19 20.07 -1.87 -16.86
CA LEU D 19 19.97 -3.21 -17.37
C LEU D 19 19.26 -3.15 -18.73
N VAL D 20 18.27 -2.26 -18.84
CA VAL D 20 17.60 -2.01 -20.13
C VAL D 20 18.59 -1.59 -21.27
N TRP D 21 19.48 -0.67 -20.93
CA TRP D 21 20.56 -0.26 -21.76
C TRP D 21 21.47 -1.41 -22.22
N GLU D 22 21.97 -2.23 -21.28
CA GLU D 22 22.64 -3.47 -21.66
C GLU D 22 21.90 -4.24 -22.79
N VAL D 23 20.60 -4.51 -22.61
CA VAL D 23 19.79 -5.25 -23.64
C VAL D 23 19.78 -4.53 -25.00
N LEU D 24 19.47 -3.23 -24.99
CA LEU D 24 19.54 -2.35 -26.19
C LEU D 24 20.93 -2.30 -26.92
N ALA D 25 22.04 -2.15 -26.18
CA ALA D 25 23.40 -2.24 -26.74
C ALA D 25 23.86 -3.62 -27.31
N ASP D 26 23.35 -4.72 -26.76
CA ASP D 26 23.68 -6.07 -27.29
C ASP D 26 22.96 -6.41 -28.62
N VAL D 27 23.43 -5.87 -29.75
CA VAL D 27 22.79 -6.17 -31.09
C VAL D 27 22.70 -7.64 -31.54
N LEU D 28 23.80 -8.40 -31.44
CA LEU D 28 23.66 -9.86 -31.51
C LEU D 28 22.77 -10.07 -30.29
N GLY D 29 22.03 -11.14 -30.18
CA GLY D 29 21.11 -11.13 -29.07
C GLY D 29 19.78 -10.70 -29.59
N TYR D 30 19.74 -9.67 -30.45
CA TYR D 30 18.51 -9.22 -31.17
C TYR D 30 17.86 -10.38 -31.99
N ALA D 31 18.68 -11.28 -32.55
CA ALA D 31 18.20 -12.49 -33.26
C ALA D 31 17.52 -13.52 -32.35
N ASP D 32 18.02 -13.65 -31.11
CA ASP D 32 17.41 -14.49 -30.06
C ASP D 32 16.04 -13.93 -29.55
N ILE D 33 15.96 -12.62 -29.33
CA ILE D 33 14.86 -12.03 -28.57
C ILE D 33 13.72 -11.42 -29.38
N PHE D 34 14.05 -10.91 -30.57
CA PHE D 34 13.10 -10.22 -31.44
C PHE D 34 12.50 -11.33 -32.28
N PRO D 35 11.35 -11.90 -31.89
CA PRO D 35 10.81 -13.09 -32.64
C PRO D 35 10.63 -12.87 -34.18
N PRO D 36 10.49 -11.59 -34.64
CA PRO D 36 10.65 -11.43 -36.09
C PRO D 36 12.13 -11.44 -36.57
N THR D 37 13.07 -10.88 -35.77
CA THR D 37 14.54 -11.03 -36.04
C THR D 37 15.11 -12.46 -35.78
N GLU D 38 16.12 -12.78 -36.60
CA GLU D 38 16.30 -14.11 -37.18
C GLU D 38 17.77 -14.36 -37.62
N LYS D 39 18.34 -13.36 -38.28
CA LYS D 39 19.79 -13.25 -38.43
C LYS D 39 20.18 -11.81 -38.08
N VAL D 40 21.33 -11.69 -37.44
CA VAL D 40 21.94 -10.39 -37.19
C VAL D 40 23.43 -10.58 -37.35
N GLU D 41 24.01 -9.74 -38.19
CA GLU D 41 25.43 -9.78 -38.40
C GLU D 41 25.97 -8.38 -38.11
N ILE D 42 27.11 -8.35 -37.44
CA ILE D 42 27.79 -7.09 -37.12
C ILE D 42 28.90 -6.73 -38.13
N LEU D 43 28.52 -5.96 -39.15
CA LEU D 43 29.46 -5.44 -40.16
C LEU D 43 30.68 -4.69 -39.61
N GLU D 44 30.49 -3.73 -38.73
CA GLU D 44 31.59 -3.08 -38.01
C GLU D 44 31.19 -2.51 -36.65
N GLU D 45 32.20 -2.21 -35.85
CA GLU D 45 32.06 -1.85 -34.44
C GLU D 45 33.27 -1.03 -33.95
N GLY D 46 33.02 0.09 -33.28
CA GLY D 46 34.08 0.87 -32.66
C GLY D 46 33.51 1.31 -31.34
N GLN D 47 34.22 2.14 -30.58
CA GLN D 47 33.87 2.29 -29.15
C GLN D 47 32.49 2.89 -28.85
N GLY D 48 31.91 3.62 -29.79
CA GLY D 48 30.58 4.17 -29.59
C GLY D 48 29.63 3.96 -30.76
N TYR D 49 29.91 2.95 -31.61
CA TYR D 49 29.07 2.73 -32.79
C TYR D 49 29.14 1.32 -33.30
N GLN D 50 28.03 0.88 -33.86
CA GLN D 50 27.90 -0.40 -34.56
C GLN D 50 27.25 -0.13 -35.91
N VAL D 51 27.64 -0.89 -36.93
CA VAL D 51 27.05 -0.92 -38.28
C VAL D 51 26.56 -2.37 -38.54
N VAL D 52 25.34 -2.47 -39.05
CA VAL D 52 24.56 -3.66 -38.85
C VAL D 52 23.83 -4.12 -40.12
N ARG D 53 23.49 -5.41 -40.21
CA ARG D 53 22.64 -5.95 -41.30
C ARG D 53 21.65 -6.99 -40.75
N LEU D 54 20.34 -6.74 -40.91
CA LEU D 54 19.35 -7.61 -40.25
C LEU D 54 18.29 -8.27 -41.16
N HIS D 55 17.76 -9.40 -40.67
CA HIS D 55 16.84 -10.25 -41.42
C HIS D 55 15.62 -10.49 -40.56
N VAL D 56 14.53 -9.80 -40.91
CA VAL D 56 13.32 -9.72 -40.06
C VAL D 56 12.07 -10.13 -40.90
N ASP D 57 10.89 -9.62 -40.54
CA ASP D 57 9.65 -9.83 -41.30
C ASP D 57 9.13 -8.59 -42.05
N VAL D 58 9.05 -8.67 -43.39
CA VAL D 58 8.45 -7.60 -44.22
C VAL D 58 6.95 -7.85 -44.40
N ALA D 59 6.60 -9.09 -44.76
CA ALA D 59 5.21 -9.55 -44.84
C ALA D 59 5.08 -10.96 -44.24
N GLY D 60 6.18 -11.42 -43.63
CA GLY D 60 6.35 -12.80 -43.21
C GLY D 60 7.52 -13.38 -44.00
N GLU D 61 7.97 -12.59 -44.98
CA GLU D 61 9.10 -12.90 -45.85
C GLU D 61 10.38 -12.20 -45.36
N ILE D 62 11.51 -12.88 -45.47
CA ILE D 62 12.81 -12.37 -45.00
C ILE D 62 13.43 -11.15 -45.76
N ASN D 63 13.43 -9.97 -45.11
CA ASN D 63 14.06 -8.73 -45.65
C ASN D 63 15.33 -8.27 -44.89
N THR D 64 16.24 -7.64 -45.65
CA THR D 64 17.60 -7.26 -45.23
C THR D 64 17.88 -5.75 -45.48
N TRP D 65 18.66 -5.14 -44.57
CA TRP D 65 19.09 -3.73 -44.65
C TRP D 65 20.39 -3.43 -43.84
N THR D 66 20.98 -2.25 -44.08
CA THR D 66 22.14 -1.76 -43.34
C THR D 66 21.81 -0.51 -42.51
N SER D 67 22.24 -0.49 -41.24
CA SER D 67 21.94 0.62 -40.31
C SER D 67 23.15 0.92 -39.43
N ARG D 68 23.51 2.20 -39.29
CA ARG D 68 24.51 2.69 -38.28
C ARG D 68 23.78 3.04 -37.00
N ARG D 69 24.30 2.52 -35.89
CA ARG D 69 23.80 2.79 -34.55
C ARG D 69 24.95 3.50 -33.86
N ASP D 70 24.59 4.65 -33.28
CA ASP D 70 25.45 5.51 -32.55
C ASP D 70 24.92 5.34 -31.17
N LEU D 71 25.74 4.74 -30.33
CA LEU D 71 25.40 4.43 -28.96
C LEU D 71 25.88 5.55 -28.03
N ASP D 72 25.04 5.93 -27.08
CA ASP D 72 25.41 6.94 -26.05
C ASP D 72 24.90 6.39 -24.71
N PRO D 73 25.76 5.61 -24.03
CA PRO D 73 25.42 4.98 -22.72
C PRO D 73 25.27 6.00 -21.59
N ALA D 74 25.82 7.21 -21.72
CA ALA D 74 25.55 8.25 -20.69
C ALA D 74 24.10 8.78 -20.77
N ARG D 75 23.60 9.03 -21.99
CA ARG D 75 22.17 9.42 -22.16
C ARG D 75 21.24 8.18 -22.29
N ARG D 76 21.81 7.02 -22.58
CA ARG D 76 21.00 5.82 -22.70
C ARG D 76 20.11 6.02 -23.91
N VAL D 77 20.79 6.48 -24.98
CA VAL D 77 20.16 6.72 -26.25
C VAL D 77 21.01 6.02 -27.30
N ILE D 78 20.32 5.26 -28.14
CA ILE D 78 20.84 4.77 -29.42
C ILE D 78 20.22 5.58 -30.61
N ALA D 79 21.03 6.24 -31.43
CA ALA D 79 20.55 6.86 -32.66
C ALA D 79 20.85 5.92 -33.83
N TYR D 80 19.89 5.66 -34.71
CA TYR D 80 20.16 4.68 -35.80
C TYR D 80 19.69 5.28 -37.13
N ARG D 81 20.34 4.91 -38.24
CA ARG D 81 19.82 5.22 -39.59
C ARG D 81 20.20 4.15 -40.58
N GLN D 82 19.23 3.72 -41.37
CA GLN D 82 19.53 2.85 -42.50
C GLN D 82 20.50 3.60 -43.48
N LEU D 83 21.67 2.99 -43.67
CA LEU D 83 22.62 3.41 -44.72
C LEU D 83 22.13 2.93 -46.11
N GLU D 84 21.52 1.75 -46.09
CA GLU D 84 20.98 1.04 -47.24
C GLU D 84 20.08 -0.05 -46.75
N THR D 85 18.75 0.05 -46.74
CA THR D 85 17.86 1.10 -47.26
C THR D 85 17.04 0.51 -48.40
N ALA D 86 16.90 1.31 -49.46
CA ALA D 86 16.32 0.87 -50.70
C ALA D 86 14.91 0.40 -50.50
N PRO D 87 14.03 0.80 -51.40
CA PRO D 87 12.60 0.62 -51.25
C PRO D 87 12.17 -0.72 -50.70
N ILE D 88 11.00 -0.76 -50.09
CA ILE D 88 9.99 0.33 -50.18
C ILE D 88 10.32 1.63 -49.41
N VAL D 89 11.57 1.73 -48.94
CA VAL D 89 12.01 2.72 -47.95
C VAL D 89 13.08 3.73 -48.46
N GLY D 90 12.58 5.06 -48.56
CA GLY D 90 13.57 6.14 -48.87
C GLY D 90 14.51 6.48 -47.71
N HIS D 91 13.94 6.88 -46.56
CA HIS D 91 14.68 7.23 -45.35
C HIS D 91 14.12 6.35 -44.21
N MET D 92 15.00 5.87 -43.34
CA MET D 92 14.58 5.16 -42.12
C MET D 92 15.55 5.42 -40.97
N SER D 93 15.19 6.32 -40.06
CA SER D 93 16.03 6.50 -38.86
C SER D 93 15.20 6.74 -37.57
N GLY D 94 15.89 7.04 -36.45
CA GLY D 94 15.22 7.35 -35.18
C GLY D 94 16.10 6.99 -34.01
N GLU D 95 15.45 6.77 -32.85
CA GLU D 95 16.14 6.58 -31.57
C GLU D 95 15.39 5.60 -30.70
N TRP D 96 16.16 4.75 -29.99
CA TRP D 96 15.74 4.05 -28.73
C TRP D 96 16.19 4.95 -27.59
N ARG D 97 15.31 5.20 -26.62
CA ARG D 97 15.65 5.97 -25.41
C ARG D 97 15.14 5.27 -24.11
N ALA D 98 15.98 5.14 -23.11
CA ALA D 98 15.62 4.45 -21.88
C ALA D 98 15.59 5.52 -20.78
N PHE D 99 14.43 5.88 -20.30
CA PHE D 99 14.39 6.91 -19.27
C PHE D 99 14.25 6.21 -17.92
N THR D 100 14.74 6.82 -16.85
CA THR D 100 14.51 6.26 -15.49
C THR D 100 13.10 6.69 -15.00
N LEU D 101 12.29 5.68 -14.67
CA LEU D 101 11.04 5.91 -13.98
C LEU D 101 11.25 5.97 -12.40
N ASP D 102 12.01 5.01 -11.90
CA ASP D 102 12.31 4.90 -10.47
C ASP D 102 13.50 3.91 -10.41
N ALA D 103 13.85 3.39 -9.24
CA ALA D 103 15.10 2.58 -9.11
C ALA D 103 15.07 1.28 -9.91
N GLU D 104 13.89 0.75 -10.19
CA GLU D 104 13.70 -0.56 -10.74
C GLU D 104 12.86 -0.58 -12.00
N ARG D 105 12.45 0.57 -12.52
CA ARG D 105 11.64 0.55 -13.76
C ARG D 105 12.09 1.54 -14.79
N THR D 106 11.78 1.24 -16.04
CA THR D 106 12.22 2.05 -17.20
C THR D 106 11.08 2.51 -18.07
N GLN D 107 11.14 3.80 -18.45
CA GLN D 107 10.29 4.25 -19.53
C GLN D 107 11.07 4.04 -20.83
N LEU D 108 10.61 3.09 -21.62
CA LEU D 108 11.33 2.70 -22.83
C LEU D 108 10.66 3.26 -24.10
N VAL D 109 11.40 4.07 -24.82
CA VAL D 109 10.87 4.74 -26.02
C VAL D 109 11.59 4.29 -27.27
N LEU D 110 10.80 4.01 -28.30
CA LEU D 110 11.33 3.78 -29.68
C LEU D 110 10.68 4.75 -30.69
N THR D 111 11.53 5.47 -31.42
CA THR D 111 10.99 6.42 -32.45
C THR D 111 11.41 6.03 -33.91
N HIS D 112 10.65 6.49 -34.93
CA HIS D 112 10.94 6.27 -36.35
C HIS D 112 10.70 7.56 -37.11
N ASP D 113 11.71 7.99 -37.88
CA ASP D 113 11.58 9.00 -38.94
C ASP D 113 11.77 8.34 -40.32
N PHE D 114 10.72 8.38 -41.15
CA PHE D 114 10.69 7.54 -42.37
C PHE D 114 9.83 8.15 -43.53
N VAL D 115 10.21 7.79 -44.74
CA VAL D 115 9.50 8.14 -45.99
C VAL D 115 9.78 7.04 -47.04
N THR D 116 8.78 6.73 -47.83
CA THR D 116 8.86 5.77 -48.91
C THR D 116 9.78 6.18 -50.05
N ARG D 117 10.24 5.28 -50.90
CA ARG D 117 11.06 5.72 -52.04
C ARG D 117 10.16 6.25 -53.15
N ALA D 118 10.60 7.25 -53.91
CA ALA D 118 9.71 8.04 -54.81
C ALA D 118 9.22 7.40 -56.11
N ALA D 119 8.50 8.15 -56.95
CA ALA D 119 8.07 7.60 -58.25
C ALA D 119 9.30 7.16 -59.10
N GLY D 120 9.43 5.85 -59.31
CA GLY D 120 10.55 5.26 -60.07
C GLY D 120 10.36 5.39 -61.56
N ASP D 121 9.51 6.34 -61.98
CA ASP D 121 9.35 6.74 -63.40
C ASP D 121 8.36 5.89 -64.26
N ASP D 122 7.84 4.79 -63.69
CA ASP D 122 6.72 4.03 -64.30
C ASP D 122 5.36 4.77 -64.26
N GLY D 123 5.00 5.56 -63.22
CA GLY D 123 5.83 5.99 -62.07
C GLY D 123 5.39 5.33 -60.77
N LEU D 124 5.61 4.03 -60.71
CA LEU D 124 5.32 3.25 -59.51
C LEU D 124 6.49 3.41 -58.55
N VAL D 125 6.25 3.12 -57.28
CA VAL D 125 7.30 3.30 -56.23
C VAL D 125 8.49 2.31 -56.31
N ALA D 126 8.19 1.00 -56.36
CA ALA D 126 9.25 0.04 -56.64
C ALA D 126 9.17 -0.49 -58.10
N GLY D 127 7.98 -0.38 -58.71
CA GLY D 127 7.49 -1.41 -59.62
C GLY D 127 6.54 -2.18 -58.69
N LYS D 128 5.29 -2.44 -59.24
CA LYS D 128 4.17 -2.97 -58.42
C LYS D 128 3.22 -2.17 -57.49
N LEU D 129 3.61 -0.92 -57.17
CA LEU D 129 2.89 -0.12 -56.11
C LEU D 129 2.70 1.31 -56.69
N THR D 130 1.51 1.86 -56.34
CA THR D 130 1.25 3.33 -56.36
C THR D 130 1.76 3.96 -55.01
N PRO D 131 2.29 5.24 -55.06
CA PRO D 131 2.81 5.94 -53.87
C PRO D 131 2.04 5.63 -52.55
N ASP D 132 0.71 5.54 -52.69
CA ASP D 132 -0.22 5.38 -51.57
C ASP D 132 -0.11 4.01 -50.96
N GLU D 133 -0.32 2.98 -51.77
CA GLU D 133 -0.25 1.60 -51.27
C GLU D 133 1.05 1.41 -50.51
N ALA D 134 2.13 1.88 -51.12
CA ALA D 134 3.48 1.85 -50.49
C ALA D 134 3.59 2.55 -49.12
N ARG D 135 3.34 3.87 -49.08
CA ARG D 135 3.15 4.68 -47.83
C ARG D 135 2.41 3.96 -46.68
N GLU D 136 1.19 3.51 -46.99
CA GLU D 136 0.32 2.71 -46.14
C GLU D 136 1.00 1.41 -45.78
N MET D 137 1.74 0.86 -46.74
CA MET D 137 2.40 -0.42 -46.59
C MET D 137 3.54 -0.28 -45.56
N LEU D 138 4.29 0.81 -45.67
CA LEU D 138 5.39 1.16 -44.79
C LEU D 138 4.88 1.60 -43.36
N GLU D 139 3.83 2.44 -43.30
CA GLU D 139 3.19 2.83 -42.02
C GLU D 139 2.89 1.62 -41.13
N ALA D 140 2.27 0.60 -41.73
CA ALA D 140 1.89 -0.68 -41.11
C ALA D 140 3.03 -1.56 -40.64
N VAL D 141 4.10 -1.67 -41.45
CA VAL D 141 5.34 -2.34 -41.04
C VAL D 141 5.96 -1.70 -39.75
N VAL D 142 6.30 -0.41 -39.86
CA VAL D 142 6.78 0.39 -38.77
C VAL D 142 5.95 0.12 -37.49
N GLU D 143 4.63 0.20 -37.60
CA GLU D 143 3.75 0.02 -36.46
C GLU D 143 3.87 -1.36 -35.83
N ARG D 144 3.80 -2.37 -36.66
CA ARG D 144 3.84 -3.73 -36.18
C ARG D 144 5.22 -4.09 -35.56
N ASN D 145 6.31 -3.76 -36.26
CA ASN D 145 7.62 -4.11 -35.70
C ASN D 145 8.08 -3.20 -34.59
N SER D 146 7.48 -2.03 -34.54
CA SER D 146 7.71 -1.10 -33.48
C SER D 146 7.22 -1.69 -32.13
N VAL D 147 5.94 -2.10 -32.06
CA VAL D 147 5.45 -2.70 -30.83
C VAL D 147 6.06 -4.07 -30.47
N ALA D 148 6.41 -4.88 -31.48
CA ALA D 148 6.99 -6.20 -31.28
C ALA D 148 8.35 -6.08 -30.64
N ASP D 149 9.12 -5.10 -31.12
CA ASP D 149 10.51 -4.87 -30.72
C ASP D 149 10.60 -4.28 -29.30
N LEU D 150 9.69 -3.34 -28.97
CA LEU D 150 9.54 -2.90 -27.56
C LEU D 150 9.22 -4.05 -26.59
N ASN D 151 8.16 -4.81 -26.86
CA ASN D 151 7.79 -5.98 -26.08
C ASN D 151 8.84 -7.09 -26.00
N ALA D 152 9.58 -7.32 -27.08
CA ALA D 152 10.74 -8.17 -26.96
C ALA D 152 11.81 -7.52 -25.97
N VAL D 153 12.04 -6.21 -26.04
CA VAL D 153 13.07 -5.65 -25.12
C VAL D 153 12.65 -5.75 -23.61
N LEU D 154 11.38 -5.44 -23.41
CA LEU D 154 10.72 -5.63 -22.17
C LEU D 154 10.72 -7.03 -21.60
N GLY D 155 10.40 -8.04 -22.44
CA GLY D 155 10.44 -9.43 -22.07
C GLY D 155 11.85 -9.87 -21.64
N GLU D 156 12.84 -9.51 -22.44
CA GLU D 156 14.21 -9.85 -22.16
C GLU D 156 14.76 -9.19 -20.89
N ALA D 157 14.60 -7.90 -20.75
CA ALA D 157 15.04 -7.17 -19.52
C ALA D 157 14.39 -7.72 -18.26
N GLU D 158 13.08 -7.92 -18.29
CA GLU D 158 12.35 -8.57 -17.18
C GLU D 158 12.82 -10.00 -16.92
N ARG D 159 13.04 -10.78 -17.98
CA ARG D 159 13.66 -12.08 -17.79
C ARG D 159 15.05 -12.01 -17.10
N ARG D 160 15.91 -11.10 -17.53
CA ARG D 160 17.22 -10.89 -16.86
C ARG D 160 17.19 -10.58 -15.37
N VAL D 161 16.31 -9.67 -14.97
CA VAL D 161 16.11 -9.38 -13.54
C VAL D 161 15.77 -10.66 -12.75
N ARG D 162 14.82 -11.43 -13.26
CA ARG D 162 14.39 -12.61 -12.53
C ARG D 162 15.45 -13.69 -12.55
N ALA D 163 16.16 -13.87 -13.66
CA ALA D 163 17.21 -14.92 -13.74
C ALA D 163 18.34 -14.66 -12.71
N ALA D 164 18.64 -13.37 -12.47
CA ALA D 164 19.51 -12.90 -11.39
C ALA D 164 18.70 -12.79 -10.06
N GLY D 165 17.85 -11.75 -9.95
CA GLY D 165 16.83 -11.69 -8.87
C GLY D 165 17.09 -10.48 -8.05
N GLY D 166 17.11 -9.32 -8.75
CA GLY D 166 17.29 -8.00 -8.18
C GLY D 166 16.22 -7.05 -8.64
N GLY E 1 -15.50 1.58 0.00
CA GLY E 1 -14.94 0.37 0.71
C GLY E 1 -15.37 0.22 2.15
N SER E 2 -14.79 -0.70 2.90
CA SER E 2 -13.95 -1.77 2.37
C SER E 2 -14.77 -3.06 2.13
N HIS E 3 -14.12 -4.05 1.51
CA HIS E 3 -14.66 -5.39 1.48
C HIS E 3 -14.24 -6.19 2.73
N MET E 4 -13.49 -5.55 3.63
CA MET E 4 -13.06 -6.20 4.87
C MET E 4 -14.25 -6.59 5.76
N ARG E 5 -14.11 -7.74 6.37
CA ARG E 5 -15.13 -8.30 7.18
C ARG E 5 -14.61 -8.53 8.65
N HIS E 6 -15.49 -8.37 9.60
CA HIS E 6 -15.20 -8.62 10.95
C HIS E 6 -16.33 -9.54 11.34
N VAL E 7 -16.01 -10.77 11.80
CA VAL E 7 -17.05 -11.62 12.38
C VAL E 7 -16.73 -12.05 13.83
N GLU E 8 -17.80 -12.30 14.61
CA GLU E 8 -17.66 -12.75 16.00
C GLU E 8 -18.68 -13.81 16.26
N HIS E 9 -18.24 -14.91 16.88
CA HIS E 9 -19.14 -15.99 17.30
C HIS E 9 -18.82 -16.37 18.69
N THR E 10 -19.84 -16.86 19.38
CA THR E 10 -19.71 -17.21 20.78
C THR E 10 -20.45 -18.47 21.16
N VAL E 11 -19.98 -19.19 22.18
CA VAL E 11 -20.75 -20.25 22.81
C VAL E 11 -20.61 -20.17 24.35
N THR E 12 -21.57 -20.69 25.11
CA THR E 12 -21.46 -20.89 26.54
C THR E 12 -20.98 -22.36 26.85
N VAL E 13 -19.88 -22.43 27.63
CA VAL E 13 -19.16 -23.66 27.97
C VAL E 13 -19.39 -23.97 29.46
N ALA E 14 -19.83 -25.21 29.73
CA ALA E 14 -20.03 -25.74 31.10
C ALA E 14 -18.70 -26.21 31.63
N ALA E 15 -17.79 -25.23 31.83
CA ALA E 15 -16.42 -25.42 32.32
C ALA E 15 -15.91 -24.08 32.82
N PRO E 16 -15.18 -24.06 33.95
CA PRO E 16 -14.68 -22.79 34.47
C PRO E 16 -13.70 -22.14 33.48
N ALA E 17 -13.58 -20.82 33.51
CA ALA E 17 -12.81 -20.11 32.48
C ALA E 17 -11.32 -20.51 32.39
N ASP E 18 -10.74 -20.93 33.52
CA ASP E 18 -9.34 -21.48 33.63
C ASP E 18 -9.07 -22.83 32.94
N LEU E 19 -10.00 -23.77 33.06
CA LEU E 19 -10.00 -24.98 32.21
C LEU E 19 -10.12 -24.62 30.73
N VAL E 20 -11.00 -23.68 30.40
CA VAL E 20 -11.12 -23.27 28.98
C VAL E 20 -9.80 -22.62 28.51
N TRP E 21 -9.15 -21.80 29.31
CA TRP E 21 -7.86 -21.21 29.06
C TRP E 21 -6.75 -22.26 28.80
N GLU E 22 -6.60 -23.20 29.73
CA GLU E 22 -5.79 -24.33 29.54
C GLU E 22 -6.02 -25.04 28.17
N VAL E 23 -7.25 -25.26 27.73
CA VAL E 23 -7.48 -25.83 26.41
C VAL E 23 -6.98 -24.94 25.27
N LEU E 24 -7.16 -23.63 25.42
CA LEU E 24 -6.77 -22.69 24.39
C LEU E 24 -5.29 -22.44 24.33
N ALA E 25 -4.63 -22.26 25.46
CA ALA E 25 -3.17 -22.00 25.56
C ALA E 25 -2.31 -23.16 25.01
N ASP E 26 -2.85 -24.36 25.02
CA ASP E 26 -2.08 -25.54 24.57
C ASP E 26 -2.14 -25.75 23.03
N VAL E 27 -1.46 -24.91 22.24
CA VAL E 27 -1.54 -25.04 20.77
C VAL E 27 -1.14 -26.43 20.28
N LEU E 28 -0.31 -27.13 20.99
CA LEU E 28 0.28 -28.36 20.43
C LEU E 28 -0.69 -29.54 20.57
N GLY E 29 -1.80 -29.26 21.24
CA GLY E 29 -2.91 -30.19 21.24
C GLY E 29 -4.04 -29.92 20.26
N TYR E 30 -3.96 -28.85 19.49
CA TYR E 30 -5.02 -28.42 18.50
C TYR E 30 -5.28 -29.56 17.52
N ALA E 31 -4.24 -30.35 17.24
CA ALA E 31 -4.26 -31.51 16.36
C ALA E 31 -5.09 -32.64 16.96
N ASP E 32 -5.10 -32.72 18.28
CA ASP E 32 -5.97 -33.73 18.95
C ASP E 32 -7.39 -33.32 19.06
N ILE E 33 -7.65 -32.00 19.16
CA ILE E 33 -8.96 -31.53 19.47
C ILE E 33 -9.69 -30.87 18.29
N PHE E 34 -8.95 -30.28 17.34
CA PHE E 34 -9.66 -29.67 16.21
C PHE E 34 -9.62 -30.65 15.03
N PRO E 35 -10.72 -31.34 14.74
CA PRO E 35 -10.79 -32.39 13.69
C PRO E 35 -10.04 -32.04 12.38
N PRO E 36 -10.29 -30.83 11.80
CA PRO E 36 -9.55 -30.39 10.63
C PRO E 36 -8.02 -30.22 10.81
N THR E 37 -7.55 -29.88 12.03
CA THR E 37 -6.11 -29.67 12.23
C THR E 37 -5.26 -30.94 12.27
N GLU E 38 -4.35 -31.09 11.29
CA GLU E 38 -3.51 -32.24 11.15
C GLU E 38 -2.19 -32.16 11.87
N LYS E 39 -1.58 -30.99 11.92
CA LYS E 39 -0.22 -30.88 12.44
C LYS E 39 -0.13 -29.47 12.91
N VAL E 40 0.51 -29.28 14.07
CA VAL E 40 0.92 -28.01 14.60
C VAL E 40 2.44 -28.06 14.93
N GLU E 41 3.17 -27.00 14.59
CA GLU E 41 4.56 -26.90 14.99
C GLU E 41 4.86 -25.51 15.58
N ILE E 42 5.76 -25.42 16.56
CA ILE E 42 6.22 -24.17 17.15
C ILE E 42 7.32 -23.72 16.27
N LEU E 43 7.25 -22.53 15.73
CA LEU E 43 8.36 -22.06 14.98
C LEU E 43 9.31 -21.21 15.90
N GLU E 44 8.71 -20.50 16.85
CA GLU E 44 9.34 -19.54 17.71
C GLU E 44 8.49 -19.38 19.01
N GLU E 45 9.20 -19.15 20.11
CA GLU E 45 8.55 -18.90 21.34
C GLU E 45 9.30 -17.84 22.16
N GLY E 46 8.53 -17.03 22.88
CA GLY E 46 9.11 -15.94 23.68
C GLY E 46 8.16 -15.46 24.75
N GLN E 47 8.58 -14.50 25.54
CA GLN E 47 7.71 -14.09 26.64
C GLN E 47 6.39 -13.51 26.12
N GLY E 48 5.28 -14.19 26.40
CA GLY E 48 3.92 -13.74 26.00
C GLY E 48 3.44 -14.14 24.60
N TYR E 49 4.20 -14.97 23.87
CA TYR E 49 3.82 -15.28 22.48
C TYR E 49 4.41 -16.58 21.99
N GLN E 50 3.87 -17.07 20.87
CA GLN E 50 4.43 -18.19 20.12
C GLN E 50 4.05 -18.00 18.66
N VAL E 51 4.95 -18.45 17.77
CA VAL E 51 4.67 -18.45 16.36
C VAL E 51 4.54 -19.93 16.00
N VAL E 52 3.52 -20.21 15.23
CA VAL E 52 3.12 -21.57 15.01
C VAL E 52 2.90 -21.83 13.52
N ARG E 53 3.26 -22.98 12.98
CA ARG E 53 2.80 -23.33 11.65
C ARG E 53 1.74 -24.42 11.76
N LEU E 54 0.68 -24.31 10.95
CA LEU E 54 -0.53 -25.14 11.03
C LEU E 54 -0.74 -25.76 9.75
N HIS E 55 -1.13 -27.02 9.78
CA HIS E 55 -1.57 -27.76 8.58
C HIS E 55 -3.07 -28.17 8.81
N VAL E 56 -3.97 -27.66 7.97
CA VAL E 56 -5.43 -27.65 8.25
C VAL E 56 -6.13 -27.99 6.93
N ASP E 57 -6.98 -29.00 7.00
CA ASP E 57 -7.78 -29.39 5.90
C ASP E 57 -8.95 -28.40 5.72
N VAL E 58 -8.98 -27.75 4.56
CA VAL E 58 -10.12 -26.86 4.22
C VAL E 58 -10.78 -27.40 2.96
N ALA E 59 -11.99 -27.96 3.17
CA ALA E 59 -12.61 -28.81 2.19
C ALA E 59 -11.63 -29.79 1.55
N GLY E 60 -11.22 -30.82 2.31
CA GLY E 60 -10.45 -31.98 1.75
C GLY E 60 -9.08 -31.61 1.19
N GLU E 61 -8.65 -30.38 1.50
CA GLU E 61 -7.41 -29.83 0.96
C GLU E 61 -6.60 -29.30 2.12
N ILE E 62 -5.45 -29.90 2.35
CA ILE E 62 -4.57 -29.49 3.47
C ILE E 62 -3.80 -28.24 3.11
N ASN E 63 -4.18 -27.15 3.78
CA ASN E 63 -3.54 -25.85 3.68
C ASN E 63 -2.60 -25.60 4.85
N THR E 64 -1.47 -24.98 4.54
CA THR E 64 -0.62 -24.52 5.57
C THR E 64 -0.64 -23.01 5.69
N TRP E 65 -0.56 -22.53 6.92
CA TRP E 65 -0.24 -21.14 7.22
C TRP E 65 0.55 -21.02 8.56
N THR E 66 1.19 -19.87 8.71
CA THR E 66 1.90 -19.52 9.89
C THR E 66 1.15 -18.44 10.71
N SER E 67 1.20 -18.52 12.06
CA SER E 67 0.45 -17.57 12.82
C SER E 67 1.17 -17.08 14.09
N ARG E 68 1.19 -15.75 14.37
CA ARG E 68 1.60 -15.24 15.68
C ARG E 68 0.43 -15.14 16.67
N ARG E 69 0.58 -15.81 17.81
CA ARG E 69 -0.28 -15.72 18.97
C ARG E 69 0.39 -14.90 20.14
N ASP E 70 -0.29 -13.90 20.61
CA ASP E 70 0.02 -13.08 21.78
C ASP E 70 -0.99 -13.41 22.88
N LEU E 71 -0.45 -13.97 23.94
CA LEU E 71 -1.21 -14.61 24.98
C LEU E 71 -1.25 -13.68 26.16
N ASP E 72 -2.44 -13.57 26.72
CA ASP E 72 -2.63 -12.77 27.93
C ASP E 72 -3.44 -13.64 28.84
N PRO E 73 -2.77 -14.43 29.74
CA PRO E 73 -3.57 -15.37 30.59
C PRO E 73 -4.38 -14.60 31.67
N ALA E 74 -3.92 -13.39 32.03
CA ALA E 74 -4.65 -12.58 32.99
C ALA E 74 -6.09 -12.35 32.51
N ARG E 75 -6.24 -11.66 31.37
CA ARG E 75 -7.54 -11.43 30.71
C ARG E 75 -8.10 -12.64 29.95
N ARG E 76 -7.27 -13.68 29.69
CA ARG E 76 -7.72 -14.93 29.07
C ARG E 76 -8.08 -14.60 27.63
N VAL E 77 -7.14 -13.93 26.96
CA VAL E 77 -7.26 -13.55 25.57
C VAL E 77 -6.06 -14.05 24.80
N ILE E 78 -6.29 -14.59 23.59
CA ILE E 78 -5.25 -14.95 22.63
C ILE E 78 -5.54 -14.13 21.37
N ALA E 79 -4.66 -13.22 21.09
CA ALA E 79 -4.68 -12.48 19.86
C ALA E 79 -3.89 -13.25 18.77
N TYR E 80 -4.49 -13.60 17.65
CA TYR E 80 -3.72 -14.34 16.59
C TYR E 80 -3.66 -13.50 15.31
N ARG E 81 -2.69 -13.71 14.41
CA ARG E 81 -2.33 -12.85 13.28
C ARG E 81 -1.64 -13.87 12.35
N GLN E 82 -2.12 -14.07 11.12
CA GLN E 82 -1.32 -14.84 10.10
C GLN E 82 -0.12 -14.04 9.59
N LEU E 83 1.06 -14.66 9.50
CA LEU E 83 2.25 -14.04 8.94
C LEU E 83 2.39 -14.53 7.50
N GLU E 84 2.36 -15.83 7.30
CA GLU E 84 2.08 -16.30 5.97
C GLU E 84 0.69 -16.87 5.94
N THR E 85 -0.11 -16.29 5.07
CA THR E 85 -1.55 -16.57 4.89
C THR E 85 -1.79 -17.68 3.85
N ALA E 86 -2.94 -18.38 3.92
CA ALA E 86 -3.39 -19.26 2.80
C ALA E 86 -3.54 -18.44 1.49
N PRO E 87 -3.56 -19.11 0.29
CA PRO E 87 -3.46 -18.42 -1.04
C PRO E 87 -4.41 -17.21 -1.40
N ILE E 88 -5.70 -17.28 -1.09
CA ILE E 88 -6.62 -16.15 -1.36
C ILE E 88 -6.87 -15.15 -0.19
N VAL E 89 -6.19 -15.36 0.94
CA VAL E 89 -6.21 -14.46 2.09
C VAL E 89 -5.27 -13.26 1.98
N GLY E 90 -5.81 -12.04 2.12
CA GLY E 90 -4.97 -10.82 2.14
C GLY E 90 -4.58 -10.51 3.58
N HIS E 91 -5.51 -10.72 4.50
CA HIS E 91 -5.35 -10.41 5.90
C HIS E 91 -6.20 -11.44 6.69
N MET E 92 -5.62 -12.03 7.72
CA MET E 92 -6.34 -12.84 8.62
C MET E 92 -5.84 -12.70 10.06
N SER E 93 -6.76 -12.35 10.96
CA SER E 93 -6.42 -11.88 12.26
C SER E 93 -7.63 -12.07 13.21
N GLY E 94 -7.43 -12.04 14.54
CA GLY E 94 -8.55 -12.00 15.45
C GLY E 94 -8.21 -12.41 16.87
N GLU E 95 -9.19 -12.78 17.65
CA GLU E 95 -8.98 -13.13 19.06
C GLU E 95 -9.84 -14.31 19.51
N TRP E 96 -9.25 -15.15 20.35
CA TRP E 96 -10.01 -15.99 21.23
C TRP E 96 -10.18 -15.26 22.60
N ARG E 97 -11.41 -15.30 23.16
CA ARG E 97 -11.62 -14.66 24.48
C ARG E 97 -12.44 -15.54 25.36
N ALA E 98 -11.96 -15.76 26.56
CA ALA E 98 -12.76 -16.49 27.54
C ALA E 98 -13.23 -15.59 28.71
N PHE E 99 -14.53 -15.47 29.02
CA PHE E 99 -14.97 -14.78 30.21
C PHE E 99 -15.68 -15.65 31.25
N THR E 100 -15.46 -15.27 32.51
CA THR E 100 -16.17 -15.90 33.57
C THR E 100 -17.63 -15.44 33.49
N LEU E 101 -18.50 -16.43 33.35
CA LEU E 101 -19.92 -16.26 33.45
C LEU E 101 -20.37 -16.59 34.85
N ASP E 102 -19.85 -17.68 35.41
CA ASP E 102 -19.91 -17.88 36.86
C ASP E 102 -18.83 -18.82 37.18
N ALA E 103 -18.90 -19.44 38.37
CA ALA E 103 -17.86 -20.36 38.82
C ALA E 103 -17.68 -21.61 37.89
N GLU E 104 -18.74 -22.07 37.25
CA GLU E 104 -18.71 -23.26 36.44
C GLU E 104 -19.03 -23.12 34.98
N ARG E 105 -19.16 -21.88 34.47
CA ARG E 105 -19.47 -21.61 33.07
C ARG E 105 -18.65 -20.48 32.51
N THR E 106 -18.34 -20.58 31.21
CA THR E 106 -17.49 -19.63 30.47
C THR E 106 -18.18 -19.14 29.21
N GLN E 107 -18.14 -17.83 28.97
CA GLN E 107 -18.49 -17.30 27.66
C GLN E 107 -17.29 -17.35 26.73
N LEU E 108 -17.40 -18.11 25.66
CA LEU E 108 -16.24 -18.22 24.78
C LEU E 108 -16.53 -17.55 23.42
N VAL E 109 -15.64 -16.64 23.03
CA VAL E 109 -15.77 -15.86 21.86
C VAL E 109 -14.58 -16.11 20.93
N LEU E 110 -14.89 -16.21 19.63
CA LEU E 110 -13.84 -16.28 18.59
C LEU E 110 -14.20 -15.20 17.58
N THR E 111 -13.33 -14.22 17.40
CA THR E 111 -13.49 -13.20 16.34
C THR E 111 -12.59 -13.45 15.11
N HIS E 112 -12.98 -12.90 13.93
CA HIS E 112 -12.13 -12.91 12.72
C HIS E 112 -12.13 -11.55 12.03
N ASP E 113 -10.95 -10.99 11.76
CA ASP E 113 -10.75 -9.89 10.81
C ASP E 113 -10.03 -10.36 9.53
N PHE E 114 -10.63 -10.15 8.38
CA PHE E 114 -10.02 -10.72 7.18
C PHE E 114 -10.42 -10.03 5.91
N VAL E 115 -9.55 -10.18 4.86
CA VAL E 115 -9.79 -9.69 3.55
C VAL E 115 -9.22 -10.69 2.54
N THR E 116 -9.77 -10.70 1.32
CA THR E 116 -9.22 -11.52 0.22
C THR E 116 -8.01 -10.79 -0.37
N ARG E 117 -7.08 -11.54 -0.98
CA ARG E 117 -5.90 -10.97 -1.60
C ARG E 117 -6.29 -10.23 -2.88
N ALA E 118 -5.41 -9.32 -3.28
CA ALA E 118 -5.56 -8.47 -4.50
C ALA E 118 -5.96 -9.17 -5.83
N ALA E 119 -6.91 -8.56 -6.57
CA ALA E 119 -7.25 -8.98 -7.94
C ALA E 119 -6.00 -8.89 -8.81
N GLY E 120 -5.48 -10.05 -9.24
CA GLY E 120 -4.20 -10.11 -9.98
C GLY E 120 -4.21 -9.93 -11.49
N ASP E 121 -4.97 -8.95 -12.00
CA ASP E 121 -4.74 -8.40 -13.38
C ASP E 121 -5.31 -9.11 -14.64
N ASP E 122 -5.90 -10.29 -14.44
CA ASP E 122 -6.66 -11.04 -15.46
C ASP E 122 -8.13 -10.54 -15.61
N GLY E 123 -8.82 -10.12 -14.53
CA GLY E 123 -8.28 -9.98 -13.17
C GLY E 123 -8.85 -11.01 -12.22
N LEU E 124 -8.05 -12.04 -11.91
CA LEU E 124 -8.48 -13.12 -11.02
C LEU E 124 -7.56 -13.14 -9.82
N VAL E 125 -8.13 -13.32 -8.63
CA VAL E 125 -7.32 -13.31 -7.44
C VAL E 125 -6.45 -14.56 -7.42
N ALA E 126 -5.22 -14.37 -6.91
CA ALA E 126 -4.16 -15.34 -6.98
C ALA E 126 -4.03 -15.66 -8.48
N GLY E 127 -4.31 -16.90 -8.90
CA GLY E 127 -4.54 -17.19 -10.32
C GLY E 127 -5.71 -18.12 -10.62
N LYS E 128 -6.76 -18.08 -9.81
CA LYS E 128 -7.88 -19.01 -9.96
C LYS E 128 -9.24 -18.28 -10.00
N LEU E 129 -9.57 -17.62 -8.89
CA LEU E 129 -10.92 -17.12 -8.57
C LEU E 129 -11.15 -15.65 -8.92
N THR E 130 -12.39 -15.29 -9.25
CA THR E 130 -12.80 -13.86 -9.33
C THR E 130 -12.92 -13.26 -7.93
N PRO E 131 -12.70 -11.93 -7.76
CA PRO E 131 -12.95 -11.32 -6.44
C PRO E 131 -14.24 -11.83 -5.76
N ASP E 132 -15.34 -11.90 -6.52
CA ASP E 132 -16.63 -12.47 -6.06
C ASP E 132 -16.55 -13.90 -5.51
N GLU E 133 -16.17 -14.86 -6.36
CA GLU E 133 -15.90 -16.23 -5.92
C GLU E 133 -14.94 -16.25 -4.70
N ALA E 134 -13.87 -15.45 -4.74
CA ALA E 134 -12.85 -15.43 -3.66
C ALA E 134 -13.44 -15.00 -2.30
N ARG E 135 -13.97 -13.78 -2.27
CA ARG E 135 -14.71 -13.24 -1.13
C ARG E 135 -15.71 -14.30 -0.60
N GLU E 136 -16.54 -14.82 -1.47
CA GLU E 136 -17.58 -15.76 -1.04
C GLU E 136 -17.08 -17.07 -0.43
N MET E 137 -15.98 -17.61 -0.96
CA MET E 137 -15.39 -18.87 -0.46
C MET E 137 -14.66 -18.63 0.85
N LEU E 138 -13.96 -17.52 0.95
CA LEU E 138 -13.46 -17.11 2.22
C LEU E 138 -14.53 -16.93 3.36
N GLU E 139 -15.66 -16.26 3.15
CA GLU E 139 -16.63 -15.99 4.24
C GLU E 139 -17.17 -17.31 4.71
N ALA E 140 -17.50 -18.20 3.76
CA ALA E 140 -17.85 -19.60 4.02
C ALA E 140 -16.82 -20.32 4.92
N VAL E 141 -15.54 -20.33 4.51
CA VAL E 141 -14.47 -20.92 5.31
C VAL E 141 -14.49 -20.38 6.75
N VAL E 142 -14.56 -19.07 6.95
CA VAL E 142 -14.47 -18.62 8.32
C VAL E 142 -15.75 -18.93 9.14
N GLU E 143 -16.91 -18.90 8.46
CA GLU E 143 -18.18 -19.31 9.07
C GLU E 143 -18.09 -20.75 9.59
N ARG E 144 -17.83 -21.69 8.68
CA ARG E 144 -17.65 -23.11 8.99
C ARG E 144 -16.64 -23.35 10.09
N ASN E 145 -15.50 -22.62 10.10
CA ASN E 145 -14.42 -22.96 10.98
C ASN E 145 -14.61 -22.37 12.37
N SER E 146 -15.13 -21.16 12.50
CA SER E 146 -15.56 -20.65 13.77
C SER E 146 -16.53 -21.56 14.42
N VAL E 147 -17.69 -21.89 13.79
CA VAL E 147 -18.59 -22.82 14.53
C VAL E 147 -17.82 -24.03 14.97
N ALA E 148 -17.16 -24.76 14.07
CA ALA E 148 -16.53 -26.03 14.46
C ALA E 148 -15.46 -25.87 15.51
N ASP E 149 -14.69 -24.78 15.43
CA ASP E 149 -13.60 -24.56 16.39
C ASP E 149 -14.11 -24.28 17.87
N LEU E 150 -15.09 -23.39 18.02
CA LEU E 150 -15.81 -23.06 19.20
C LEU E 150 -16.43 -24.32 19.78
N ASN E 151 -17.07 -25.18 19.01
CA ASN E 151 -17.61 -26.40 19.52
C ASN E 151 -16.54 -27.43 19.99
N ALA E 152 -15.42 -27.48 19.31
CA ALA E 152 -14.42 -28.44 19.75
C ALA E 152 -13.78 -27.97 21.10
N VAL E 153 -13.67 -26.67 21.36
CA VAL E 153 -13.16 -26.21 22.62
C VAL E 153 -14.15 -26.44 23.81
N LEU E 154 -15.44 -26.15 23.55
CA LEU E 154 -16.57 -26.57 24.40
C LEU E 154 -16.55 -28.08 24.75
N GLY E 155 -16.51 -28.96 23.75
CA GLY E 155 -16.55 -30.40 24.02
C GLY E 155 -15.33 -30.75 24.85
N GLU E 156 -14.16 -30.29 24.48
CA GLU E 156 -12.92 -30.73 25.16
C GLU E 156 -12.89 -30.24 26.62
N ALA E 157 -13.39 -29.04 26.88
CA ALA E 157 -13.35 -28.45 28.21
C ALA E 157 -14.40 -29.12 29.13
N GLU E 158 -15.61 -29.35 28.61
CA GLU E 158 -16.66 -30.08 29.31
C GLU E 158 -16.26 -31.51 29.64
N ARG E 159 -15.42 -32.11 28.79
CA ARG E 159 -14.83 -33.45 29.00
C ARG E 159 -13.83 -33.51 30.19
N ARG E 160 -13.06 -32.45 30.37
CA ARG E 160 -12.06 -32.36 31.43
C ARG E 160 -12.67 -32.10 32.83
N VAL E 161 -13.79 -31.40 32.84
CA VAL E 161 -14.57 -31.30 34.02
C VAL E 161 -15.10 -32.70 34.41
N ARG E 162 -15.78 -33.33 33.47
CA ARG E 162 -16.42 -34.59 33.67
C ARG E 162 -15.37 -35.58 34.19
N ALA E 163 -14.09 -35.47 33.76
CA ALA E 163 -13.01 -36.38 34.12
C ALA E 163 -12.47 -36.14 35.52
N ALA E 164 -12.32 -34.85 35.84
CA ALA E 164 -11.78 -34.37 37.12
C ALA E 164 -12.64 -34.53 38.44
N GLY E 165 -13.86 -35.09 38.38
CA GLY E 165 -14.80 -35.12 39.53
C GLY E 165 -14.55 -36.13 40.67
N HIS F 3 -34.74 -31.46 23.94
CA HIS F 3 -34.48 -30.35 22.97
C HIS F 3 -35.38 -29.08 23.16
N MET F 4 -34.84 -27.95 22.70
CA MET F 4 -35.52 -26.68 22.46
C MET F 4 -34.40 -26.00 21.66
N ARG F 5 -34.62 -24.87 20.95
CA ARG F 5 -33.49 -24.15 20.24
C ARG F 5 -32.74 -23.17 21.10
N HIS F 6 -31.43 -23.10 20.87
CA HIS F 6 -30.54 -22.24 21.61
C HIS F 6 -29.55 -21.52 20.65
N VAL F 7 -29.57 -20.18 20.64
CA VAL F 7 -28.66 -19.42 19.78
C VAL F 7 -27.97 -18.31 20.59
N GLU F 8 -26.76 -17.89 20.19
CA GLU F 8 -26.02 -16.87 20.90
C GLU F 8 -25.34 -16.02 19.85
N HIS F 9 -25.44 -14.68 19.98
CA HIS F 9 -24.86 -13.67 19.09
C HIS F 9 -24.10 -12.70 19.99
N THR F 10 -23.04 -12.12 19.46
CA THR F 10 -22.14 -11.22 20.23
C THR F 10 -21.58 -10.18 19.27
N VAL F 11 -21.38 -8.98 19.78
CA VAL F 11 -20.60 -7.92 19.09
C VAL F 11 -19.70 -7.35 20.15
N THR F 12 -18.72 -6.54 19.76
CA THR F 12 -17.80 -5.84 20.65
C THR F 12 -18.14 -4.39 20.50
N VAL F 13 -18.42 -3.74 21.62
CA VAL F 13 -18.80 -2.32 21.69
C VAL F 13 -17.62 -1.48 22.13
N ALA F 14 -17.24 -0.45 21.34
CA ALA F 14 -16.29 0.54 21.74
C ALA F 14 -16.87 1.50 22.81
N ALA F 15 -17.18 0.97 23.99
CA ALA F 15 -17.71 1.74 25.13
C ALA F 15 -17.49 0.95 26.44
N PRO F 16 -17.22 1.64 27.54
CA PRO F 16 -17.04 0.88 28.80
C PRO F 16 -18.30 0.03 29.10
N ALA F 17 -18.15 -1.07 29.85
CA ALA F 17 -19.25 -1.97 30.31
C ALA F 17 -20.34 -1.21 31.09
N ASP F 18 -19.94 -0.15 31.80
CA ASP F 18 -20.87 0.68 32.53
C ASP F 18 -21.88 1.44 31.67
N LEU F 19 -21.42 2.10 30.61
CA LEU F 19 -22.29 2.70 29.59
C LEU F 19 -23.16 1.65 28.89
N VAL F 20 -22.60 0.50 28.50
CA VAL F 20 -23.43 -0.62 27.94
C VAL F 20 -24.50 -1.09 28.92
N TRP F 21 -24.15 -1.24 30.19
CA TRP F 21 -25.12 -1.64 31.20
C TRP F 21 -26.29 -0.64 31.33
N GLU F 22 -25.96 0.65 31.33
CA GLU F 22 -26.91 1.72 31.52
C GLU F 22 -27.88 1.62 30.36
N VAL F 23 -27.39 1.40 29.13
CA VAL F 23 -28.25 1.25 27.94
C VAL F 23 -29.15 -0.02 28.06
N LEU F 24 -28.56 -1.12 28.52
CA LEU F 24 -29.36 -2.32 28.71
C LEU F 24 -30.44 -2.14 29.78
N ALA F 25 -30.11 -1.44 30.87
CA ALA F 25 -31.04 -1.46 32.01
C ALA F 25 -32.27 -0.55 31.75
N ASP F 26 -32.10 0.45 30.90
CA ASP F 26 -33.20 1.42 30.70
C ASP F 26 -34.17 0.92 29.66
N VAL F 27 -35.07 -0.05 30.01
CA VAL F 27 -36.05 -0.58 29.02
C VAL F 27 -37.02 0.42 28.33
N LEU F 28 -37.46 1.46 29.05
CA LEU F 28 -38.33 2.52 28.47
C LEU F 28 -37.62 3.32 27.36
N GLY F 29 -36.31 3.15 27.27
CA GLY F 29 -35.59 3.94 26.31
C GLY F 29 -35.45 3.11 25.07
N TYR F 30 -36.05 1.92 25.05
CA TYR F 30 -35.78 0.90 23.98
C TYR F 30 -36.55 1.29 22.73
N ALA F 31 -37.73 1.94 22.93
CA ALA F 31 -38.47 2.58 21.86
C ALA F 31 -37.60 3.56 21.00
N ASP F 32 -36.70 4.28 21.66
CA ASP F 32 -35.91 5.34 20.99
C ASP F 32 -34.75 4.70 20.24
N ILE F 33 -34.28 3.57 20.76
CA ILE F 33 -32.96 3.12 20.38
C ILE F 33 -33.02 1.88 19.48
N PHE F 34 -34.09 1.08 19.64
CA PHE F 34 -34.37 -0.10 18.80
C PHE F 34 -35.38 0.17 17.68
N PRO F 35 -34.93 0.32 16.41
CA PRO F 35 -35.88 0.77 15.33
C PRO F 35 -37.23 -0.06 15.20
N PRO F 36 -37.16 -1.40 15.22
CA PRO F 36 -38.42 -2.19 15.31
C PRO F 36 -39.33 -2.04 16.60
N THR F 37 -38.79 -1.62 17.75
CA THR F 37 -39.57 -1.44 18.97
C THR F 37 -40.32 -0.17 18.98
N GLU F 38 -41.64 -0.29 18.96
CA GLU F 38 -42.48 0.88 18.88
C GLU F 38 -43.00 1.41 20.25
N LYS F 39 -43.08 0.55 21.27
CA LYS F 39 -43.66 0.96 22.54
C LYS F 39 -43.14 0.02 23.56
N VAL F 40 -43.14 0.48 24.81
CA VAL F 40 -42.61 -0.16 25.97
C VAL F 40 -43.40 0.46 27.10
N GLU F 41 -44.02 -0.39 27.92
CA GLU F 41 -44.71 0.02 29.11
C GLU F 41 -44.13 -0.83 30.21
N ILE F 42 -43.92 -0.21 31.36
CA ILE F 42 -43.60 -0.92 32.58
C ILE F 42 -44.88 -1.32 33.26
N LEU F 43 -45.10 -2.65 33.38
CA LEU F 43 -46.32 -3.20 34.02
C LEU F 43 -46.11 -3.39 35.51
N GLU F 44 -44.87 -3.61 35.90
CA GLU F 44 -44.54 -3.80 37.30
C GLU F 44 -43.04 -3.64 37.44
N GLU F 45 -42.60 -3.26 38.63
CA GLU F 45 -41.22 -2.97 38.92
C GLU F 45 -40.96 -3.18 40.40
N GLY F 46 -39.71 -3.50 40.73
CA GLY F 46 -39.29 -3.89 42.11
C GLY F 46 -37.78 -4.03 42.03
N GLN F 47 -37.09 -4.14 43.17
CA GLN F 47 -35.63 -4.29 43.24
C GLN F 47 -35.17 -5.42 42.31
N GLY F 48 -34.31 -5.16 41.36
CA GLY F 48 -33.84 -6.31 40.55
C GLY F 48 -34.80 -6.83 39.48
N TYR F 49 -35.94 -6.19 39.27
CA TYR F 49 -36.79 -6.72 38.16
C TYR F 49 -37.78 -5.74 37.52
N GLN F 50 -38.17 -6.08 36.30
CA GLN F 50 -39.13 -5.26 35.60
C GLN F 50 -40.01 -6.13 34.65
N VAL F 51 -41.33 -6.11 34.83
CA VAL F 51 -42.27 -6.75 33.91
C VAL F 51 -42.76 -5.62 32.97
N VAL F 52 -42.77 -5.86 31.67
CA VAL F 52 -42.80 -4.77 30.70
C VAL F 52 -43.55 -5.36 29.53
N ARG F 53 -44.36 -4.55 28.83
CA ARG F 53 -44.99 -5.01 27.58
C ARG F 53 -44.41 -4.31 26.37
N LEU F 54 -44.10 -5.09 25.34
CA LEU F 54 -43.47 -4.61 24.14
C LEU F 54 -44.37 -4.75 22.90
N HIS F 55 -44.49 -3.63 22.17
CA HIS F 55 -44.94 -3.59 20.77
C HIS F 55 -43.73 -3.45 19.82
N VAL F 56 -43.29 -4.59 19.26
CA VAL F 56 -42.18 -4.75 18.29
C VAL F 56 -42.73 -5.13 16.89
N ASP F 57 -42.22 -4.52 15.82
CA ASP F 57 -42.60 -5.12 14.54
C ASP F 57 -41.70 -6.25 14.10
N VAL F 58 -42.38 -7.31 13.65
CA VAL F 58 -41.79 -8.60 13.31
C VAL F 58 -42.26 -9.00 11.91
N ALA F 59 -41.28 -9.25 11.06
CA ALA F 59 -41.49 -9.73 9.69
C ALA F 59 -42.39 -8.81 8.84
N GLY F 60 -42.69 -7.61 9.35
CA GLY F 60 -43.53 -6.62 8.66
C GLY F 60 -44.92 -6.51 9.25
N GLU F 61 -45.10 -7.20 10.37
CA GLU F 61 -46.34 -7.26 11.13
C GLU F 61 -45.95 -6.78 12.53
N ILE F 62 -46.77 -5.93 13.11
CA ILE F 62 -46.62 -5.46 14.49
C ILE F 62 -47.04 -6.53 15.53
N ASN F 63 -46.11 -7.02 16.36
CA ASN F 63 -46.45 -8.09 17.34
C ASN F 63 -46.35 -7.65 18.80
N THR F 64 -47.07 -8.34 19.68
CA THR F 64 -47.00 -7.95 21.08
C THR F 64 -46.61 -9.06 22.08
N TRP F 65 -45.93 -8.68 23.16
CA TRP F 65 -45.51 -9.66 24.17
C TRP F 65 -45.14 -9.03 25.51
N THR F 66 -45.07 -9.89 26.53
CA THR F 66 -44.79 -9.51 27.90
C THR F 66 -43.62 -10.37 28.40
N SER F 67 -42.74 -9.75 29.14
CA SER F 67 -41.50 -10.34 29.48
C SER F 67 -41.15 -9.86 30.89
N ARG F 68 -40.77 -10.78 31.77
CA ARG F 68 -40.10 -10.36 33.01
C ARG F 68 -38.58 -10.36 32.77
N ARG F 69 -37.94 -9.24 33.15
CA ARG F 69 -36.54 -9.04 33.15
C ARG F 69 -36.01 -9.09 34.56
N ASP F 70 -35.08 -10.01 34.77
CA ASP F 70 -34.25 -10.09 36.01
C ASP F 70 -32.85 -9.48 35.80
N LEU F 71 -32.57 -8.41 36.53
CA LEU F 71 -31.39 -7.53 36.33
C LEU F 71 -30.29 -7.84 37.40
N ASP F 72 -29.10 -8.25 36.95
CA ASP F 72 -27.95 -8.47 37.81
C ASP F 72 -26.84 -7.48 37.48
N PRO F 73 -26.80 -6.32 38.17
CA PRO F 73 -25.82 -5.26 37.83
C PRO F 73 -24.44 -5.70 38.22
N ALA F 74 -24.36 -6.69 39.10
CA ALA F 74 -23.08 -7.20 39.56
C ALA F 74 -22.42 -7.96 38.44
N ARG F 75 -23.12 -8.94 37.83
CA ARG F 75 -22.55 -9.66 36.67
C ARG F 75 -22.80 -8.86 35.36
N ARG F 76 -23.60 -7.80 35.40
CA ARG F 76 -24.05 -7.17 34.15
C ARG F 76 -24.71 -8.19 33.19
N VAL F 77 -25.73 -8.86 33.75
CA VAL F 77 -26.63 -9.84 33.05
C VAL F 77 -28.13 -9.40 33.18
N ILE F 78 -28.89 -9.42 32.08
CA ILE F 78 -30.36 -9.34 32.19
C ILE F 78 -30.93 -10.68 31.70
N ALA F 79 -31.54 -11.46 32.62
CA ALA F 79 -32.29 -12.66 32.24
C ALA F 79 -33.73 -12.23 32.03
N TYR F 80 -34.23 -12.49 30.84
CA TYR F 80 -35.62 -12.17 30.53
C TYR F 80 -36.42 -13.49 30.24
N ARG F 81 -37.72 -13.49 30.49
CA ARG F 81 -38.54 -14.66 30.14
C ARG F 81 -39.83 -14.17 29.57
N GLN F 82 -40.26 -14.61 28.40
CA GLN F 82 -41.57 -14.06 27.95
C GLN F 82 -42.71 -14.71 28.66
N LEU F 83 -43.54 -13.89 29.30
CA LEU F 83 -44.75 -14.33 30.02
C LEU F 83 -45.96 -14.42 29.11
N GLU F 84 -46.03 -13.49 28.16
CA GLU F 84 -47.01 -13.64 27.12
C GLU F 84 -46.17 -13.58 25.86
N THR F 85 -46.24 -14.64 25.07
CA THR F 85 -45.56 -14.73 23.77
C THR F 85 -46.43 -14.32 22.53
N ALA F 86 -45.76 -14.04 21.42
CA ALA F 86 -46.41 -13.70 20.15
C ALA F 86 -46.99 -14.98 19.57
N PRO F 87 -47.98 -14.87 18.66
CA PRO F 87 -48.83 -16.06 18.32
C PRO F 87 -48.07 -17.35 17.86
N ILE F 88 -46.85 -17.19 17.36
CA ILE F 88 -46.10 -18.29 16.77
C ILE F 88 -45.07 -18.92 17.75
N VAL F 89 -44.89 -18.22 18.88
CA VAL F 89 -43.92 -18.59 19.93
C VAL F 89 -44.61 -19.39 21.04
N GLY F 90 -44.10 -20.60 21.29
CA GLY F 90 -44.41 -21.39 22.48
C GLY F 90 -43.62 -20.79 23.62
N HIS F 91 -42.28 -20.86 23.56
CA HIS F 91 -41.45 -20.35 24.65
C HIS F 91 -40.35 -19.46 24.11
N MET F 92 -40.08 -18.38 24.82
CA MET F 92 -39.02 -17.51 24.50
C MET F 92 -38.38 -16.98 25.78
N SER F 93 -37.08 -17.31 26.01
CA SER F 93 -36.32 -16.76 27.17
C SER F 93 -34.84 -16.56 26.80
N GLY F 94 -34.01 -16.14 27.76
CA GLY F 94 -32.60 -15.85 27.44
C GLY F 94 -31.90 -14.79 28.28
N GLU F 95 -30.81 -14.25 27.73
CA GLU F 95 -30.00 -13.27 28.49
C GLU F 95 -29.29 -12.27 27.62
N TRP F 96 -29.19 -11.07 28.16
CA TRP F 96 -28.26 -10.08 27.69
C TRP F 96 -27.12 -10.20 28.69
N ARG F 97 -25.89 -10.18 28.19
CA ARG F 97 -24.74 -10.27 29.08
C ARG F 97 -23.66 -9.25 28.57
N ALA F 98 -23.17 -8.36 29.45
CA ALA F 98 -22.03 -7.44 29.09
C ALA F 98 -20.77 -7.88 29.87
N PHE F 99 -19.63 -7.88 29.21
CA PHE F 99 -18.38 -8.26 29.88
C PHE F 99 -17.26 -7.22 29.55
N THR F 100 -16.43 -6.89 30.54
CA THR F 100 -15.32 -5.98 30.33
C THR F 100 -14.30 -6.66 29.43
N LEU F 101 -13.78 -5.93 28.45
CA LEU F 101 -12.74 -6.49 27.64
C LEU F 101 -11.42 -5.72 27.85
N ASP F 102 -11.54 -4.43 28.12
CA ASP F 102 -10.50 -3.64 28.70
C ASP F 102 -11.27 -2.41 29.22
N ALA F 103 -10.60 -1.41 29.79
CA ALA F 103 -11.36 -0.28 30.38
C ALA F 103 -12.33 0.50 29.41
N GLU F 104 -12.04 0.42 28.12
CA GLU F 104 -12.81 1.12 27.10
C GLU F 104 -13.69 0.25 26.18
N ARG F 105 -13.73 -1.10 26.37
CA ARG F 105 -14.45 -1.97 25.42
C ARG F 105 -15.28 -3.06 26.06
N THR F 106 -16.40 -3.43 25.44
CA THR F 106 -17.36 -4.39 26.10
C THR F 106 -17.69 -5.54 25.13
N GLN F 107 -17.45 -6.78 25.56
CA GLN F 107 -18.10 -7.88 24.91
C GLN F 107 -19.60 -7.93 25.25
N LEU F 108 -20.47 -7.72 24.25
CA LEU F 108 -21.94 -7.78 24.49
C LEU F 108 -22.55 -9.05 23.89
N VAL F 109 -23.22 -9.85 24.70
CA VAL F 109 -23.90 -11.05 24.21
C VAL F 109 -25.46 -11.02 24.44
N LEU F 110 -26.15 -11.53 23.42
CA LEU F 110 -27.57 -11.85 23.50
C LEU F 110 -27.77 -13.28 23.11
N THR F 111 -28.46 -14.04 24.00
CA THR F 111 -28.91 -15.44 23.76
C THR F 111 -30.49 -15.48 23.76
N HIS F 112 -31.04 -16.56 23.17
CA HIS F 112 -32.48 -16.88 23.05
C HIS F 112 -32.54 -18.36 23.17
N ASP F 113 -33.49 -18.81 24.01
CA ASP F 113 -34.06 -20.18 24.04
C ASP F 113 -35.54 -20.15 23.61
N PHE F 114 -35.85 -20.84 22.51
CA PHE F 114 -37.17 -20.79 21.90
C PHE F 114 -37.67 -22.08 21.33
N VAL F 115 -38.99 -22.17 21.18
CA VAL F 115 -39.65 -23.23 20.48
C VAL F 115 -40.97 -22.65 20.02
N THR F 116 -41.46 -23.16 18.89
CA THR F 116 -42.65 -22.65 18.25
C THR F 116 -43.92 -23.18 18.93
N ARG F 117 -45.00 -22.44 18.80
CA ARG F 117 -46.25 -22.84 19.41
C ARG F 117 -46.74 -24.13 18.81
N ALA F 118 -47.54 -24.87 19.57
CA ALA F 118 -48.23 -26.08 19.04
C ALA F 118 -49.35 -25.75 18.03
N ALA F 119 -49.53 -26.64 17.07
CA ALA F 119 -50.64 -26.55 16.12
C ALA F 119 -51.92 -27.06 16.79
N GLY F 120 -52.42 -26.28 17.75
CA GLY F 120 -53.53 -26.68 18.62
C GLY F 120 -54.80 -27.43 18.22
N ASP F 121 -55.63 -26.77 17.41
CA ASP F 121 -57.05 -27.12 17.23
C ASP F 121 -57.23 -27.72 15.82
N ASP F 122 -56.46 -27.20 14.87
CA ASP F 122 -56.39 -27.70 13.48
C ASP F 122 -54.90 -27.96 13.19
N GLY F 123 -54.56 -28.45 12.00
CA GLY F 123 -53.14 -28.75 11.66
C GLY F 123 -52.14 -27.59 11.70
N LEU F 124 -52.65 -26.37 11.94
CA LEU F 124 -51.87 -25.15 11.77
C LEU F 124 -51.50 -24.40 13.05
N VAL F 125 -50.30 -23.81 13.05
CA VAL F 125 -49.79 -22.94 14.10
C VAL F 125 -50.25 -21.49 13.91
N ALA F 126 -50.81 -20.89 14.97
CA ALA F 126 -51.46 -19.57 14.93
C ALA F 126 -52.65 -19.57 13.99
N GLY F 127 -53.39 -20.70 13.97
CA GLY F 127 -54.47 -20.97 13.00
C GLY F 127 -54.05 -20.83 11.54
N LYS F 128 -52.79 -20.42 11.32
CA LYS F 128 -52.32 -19.96 10.00
C LYS F 128 -51.34 -20.90 9.25
N LEU F 129 -50.27 -21.31 9.93
CA LEU F 129 -49.10 -21.90 9.27
C LEU F 129 -48.86 -23.39 9.63
N THR F 130 -48.12 -24.12 8.78
CA THR F 130 -47.66 -25.48 9.10
C THR F 130 -46.58 -25.31 10.17
N PRO F 131 -46.43 -26.30 11.08
CA PRO F 131 -45.39 -26.13 12.14
C PRO F 131 -43.93 -25.89 11.58
N ASP F 132 -43.66 -26.46 10.39
CA ASP F 132 -42.45 -26.23 9.60
C ASP F 132 -42.32 -24.82 9.00
N GLU F 133 -43.38 -24.34 8.37
CA GLU F 133 -43.41 -22.94 8.00
C GLU F 133 -43.06 -22.04 9.19
N ALA F 134 -43.64 -22.38 10.35
CA ALA F 134 -43.55 -21.61 11.61
C ALA F 134 -42.15 -21.67 12.19
N ARG F 135 -41.55 -22.86 12.16
CA ARG F 135 -40.19 -23.04 12.68
C ARG F 135 -39.14 -22.20 11.97
N GLU F 136 -39.30 -22.01 10.68
CA GLU F 136 -38.29 -21.35 9.93
C GLU F 136 -38.59 -19.87 9.98
N MET F 137 -39.86 -19.53 10.12
CA MET F 137 -40.24 -18.15 10.43
C MET F 137 -39.58 -17.65 11.72
N LEU F 138 -39.68 -18.44 12.79
CA LEU F 138 -39.22 -18.02 14.12
C LEU F 138 -37.71 -17.92 14.13
N GLU F 139 -37.06 -18.92 13.53
CA GLU F 139 -35.60 -18.88 13.41
C GLU F 139 -35.04 -17.69 12.64
N ALA F 140 -35.77 -17.22 11.63
CA ALA F 140 -35.25 -16.12 10.84
C ALA F 140 -35.49 -14.83 11.59
N VAL F 141 -36.60 -14.80 12.33
CA VAL F 141 -36.93 -13.70 13.20
C VAL F 141 -35.94 -13.62 14.31
N VAL F 142 -35.56 -14.72 14.96
CA VAL F 142 -34.56 -14.49 16.03
C VAL F 142 -33.19 -14.06 15.50
N GLU F 143 -32.75 -14.68 14.41
CA GLU F 143 -31.56 -14.33 13.70
C GLU F 143 -31.43 -12.83 13.40
N ARG F 144 -32.41 -12.24 12.71
CA ARG F 144 -32.41 -10.81 12.33
C ARG F 144 -32.49 -9.84 13.52
N ASN F 145 -33.30 -10.23 14.50
CA ASN F 145 -33.56 -9.37 15.61
C ASN F 145 -32.40 -9.37 16.57
N SER F 146 -31.68 -10.48 16.67
CA SER F 146 -30.40 -10.49 17.41
C SER F 146 -29.38 -9.59 16.75
N VAL F 147 -29.13 -9.74 15.46
CA VAL F 147 -28.20 -8.83 14.89
C VAL F 147 -28.67 -7.36 14.97
N ALA F 148 -29.93 -7.02 14.66
CA ALA F 148 -30.39 -5.63 14.73
C ALA F 148 -30.26 -5.03 16.10
N ASP F 149 -30.61 -5.81 17.12
CA ASP F 149 -30.66 -5.38 18.51
C ASP F 149 -29.29 -5.17 19.14
N LEU F 150 -28.41 -6.19 19.04
CA LEU F 150 -26.96 -6.04 19.29
C LEU F 150 -26.35 -4.78 18.65
N ASN F 151 -26.57 -4.61 17.36
CA ASN F 151 -26.15 -3.39 16.66
C ASN F 151 -26.70 -2.03 17.16
N ALA F 152 -27.97 -1.96 17.51
CA ALA F 152 -28.57 -0.77 18.14
C ALA F 152 -28.05 -0.48 19.54
N VAL F 153 -27.74 -1.47 20.33
CA VAL F 153 -27.11 -1.14 21.64
C VAL F 153 -25.61 -0.68 21.47
N LEU F 154 -24.85 -1.41 20.65
CA LEU F 154 -23.54 -0.95 20.23
C LEU F 154 -23.55 0.55 19.74
N GLY F 155 -24.44 0.92 18.81
CA GLY F 155 -24.41 2.28 18.30
C GLY F 155 -24.82 3.31 19.38
N GLU F 156 -25.82 3.00 20.19
CA GLU F 156 -26.26 3.91 21.26
C GLU F 156 -25.19 4.13 22.34
N ALA F 157 -24.44 3.10 22.74
CA ALA F 157 -23.40 3.21 23.77
C ALA F 157 -22.19 3.99 23.28
N GLU F 158 -21.84 3.84 22.00
CA GLU F 158 -20.70 4.50 21.49
C GLU F 158 -21.01 5.97 21.37
N ARG F 159 -22.25 6.31 20.99
CA ARG F 159 -22.82 7.68 20.98
C ARG F 159 -22.76 8.40 22.34
N ARG F 160 -23.21 7.70 23.40
CA ARG F 160 -23.03 8.15 24.76
C ARG F 160 -21.56 8.48 25.20
N VAL F 161 -20.59 7.61 24.90
CA VAL F 161 -19.14 7.87 25.00
C VAL F 161 -18.69 9.22 24.35
N ARG F 162 -19.14 9.47 23.13
CA ARG F 162 -18.74 10.61 22.42
C ARG F 162 -19.19 11.88 23.17
N ALA F 163 -20.46 11.93 23.55
CA ALA F 163 -21.01 12.94 24.46
C ALA F 163 -20.22 12.97 25.79
#